data_4COJ
#
_entry.id   4COJ
#
_cell.length_a   77.983
_cell.length_b   94.509
_cell.length_c   87.068
_cell.angle_alpha   90.00
_cell.angle_beta   112.09
_cell.angle_gamma   90.00
#
_symmetry.space_group_name_H-M   'P 1 21 1'
#
loop_
_entity.id
_entity.type
_entity.pdbx_description
1 polymer 'ANAEROBIC RIBONUCLEOSIDE-TRIPHOSPHATE REDUCTASE'
2 non-polymer 'ZINC ION'
3 non-polymer "CYTIDINE-5'-TRIPHOSPHATE"
4 non-polymer "2'-DEOXYADENOSINE 5'-TRIPHOSPHATE"
5 non-polymer 'MAGNESIUM ION'
6 water water
#
_entity_poly.entity_id   1
_entity_poly.type   'polypeptide(L)'
_entity_poly.pdbx_seq_one_letter_code
;MKVQYSFEREFEELMSDLLSKYGYEMFQMDGLGDQLDVVKFTEDFVRRGIIESTIDANANVRVTNISTYFIEISKPHTYL
YSLYRIWQKMKEMFGKGVADEFVEAQINGAVYLHDRHHAALMPYCFAYTLKPIVEKGLPFIKTIKSEPAKHLSTFIQHVI
QFVMFASNQSSGAVGLPDFFVWMWYFVKKDLKEGIIPRDKLDWYIEQHFQILTYSLNQPIRTTQSPYTNFTYLDRNYIKA
IFEGERYPDGSLITDHVEDIIALQKHYWEWVSRERERQMFTFPVLTASLLYKDGKFLDEDSARFINKINMKWQDTNWYIS
DSIDAVASCCRLTSSTQTLKKFSLSSEEEEKLKGRMNSIGGSDLNIGSFKVITVNLPRIALESGGDREKYLQILRHRVQL
IKKALAAVREIIKERISEGLLPLYENGLMLLNRQYGTIGVTGVWESASIMGLTTEDIDGLKYTEEGEVFVDNVLDTIREE
AEKGYHEYGFTFNIEQVPAEKAAVTLAQKDRFLFGEKQPFEIYSNQWVPLMANTDVLNRIRYSGKWDKKVSGGAILHINL
GESFKTEEESFNMVKMIADMGVMYFAFNTKISVCEDGHAFYGERCPVCGKAKVDEYMRIVGYLVPVSAFNKERREIEYPR
RQFYDSLTIRR
;
_entity_poly.pdbx_strand_id   A,B
#
# COMPACT_ATOMS: atom_id res chain seq x y z
N MET A 1 -22.57 2.77 21.67
CA MET A 1 -23.44 2.18 20.61
C MET A 1 -23.06 0.72 20.36
N LYS A 2 -24.07 -0.14 20.21
CA LYS A 2 -23.85 -1.56 20.00
C LYS A 2 -23.80 -1.90 18.51
N VAL A 3 -22.92 -2.83 18.14
CA VAL A 3 -22.75 -3.24 16.75
C VAL A 3 -22.92 -4.75 16.63
N GLN A 4 -23.71 -5.16 15.64
CA GLN A 4 -24.09 -6.56 15.48
C GLN A 4 -23.17 -7.30 14.53
N TYR A 5 -22.63 -8.44 14.99
CA TYR A 5 -21.91 -9.36 14.14
C TYR A 5 -22.70 -10.66 14.01
N SER A 6 -23.16 -10.93 12.78
CA SER A 6 -24.05 -12.06 12.52
C SER A 6 -23.38 -13.40 12.73
N PHE A 7 -23.02 -13.70 13.98
CA PHE A 7 -22.48 -15.00 14.32
C PHE A 7 -23.59 -15.98 14.64
N GLU A 8 -23.40 -17.24 14.26
CA GLU A 8 -24.29 -18.32 14.67
C GLU A 8 -24.34 -18.37 16.20
N ARG A 9 -25.51 -18.68 16.74
CA ARG A 9 -25.68 -18.80 18.19
C ARG A 9 -24.65 -19.75 18.80
N GLU A 10 -24.37 -20.85 18.11
CA GLU A 10 -23.38 -21.81 18.56
C GLU A 10 -22.03 -21.16 18.83
N PHE A 11 -21.66 -20.21 17.97
CA PHE A 11 -20.41 -19.49 18.14
C PHE A 11 -20.50 -18.49 19.29
N GLU A 12 -21.58 -17.70 19.30
CA GLU A 12 -21.81 -16.73 20.36
C GLU A 12 -21.89 -17.40 21.73
N GLU A 13 -22.51 -18.57 21.78
CA GLU A 13 -22.55 -19.34 23.02
C GLU A 13 -21.14 -19.76 23.41
N LEU A 14 -20.40 -20.32 22.46
CA LEU A 14 -19.02 -20.71 22.71
C LEU A 14 -18.21 -19.55 23.24
N MET A 15 -18.24 -18.44 22.51
CA MET A 15 -17.52 -17.23 22.91
C MET A 15 -17.94 -16.82 24.31
N SER A 16 -19.25 -16.85 24.56
CA SER A 16 -19.78 -16.54 25.89
C SER A 16 -19.22 -17.52 26.92
N ASP A 17 -19.28 -18.81 26.61
CA ASP A 17 -18.79 -19.85 27.52
C ASP A 17 -17.31 -19.66 27.86
N LEU A 18 -16.54 -19.20 26.88
CA LEU A 18 -15.11 -19.00 27.06
C LEU A 18 -14.83 -17.73 27.86
N LEU A 19 -15.65 -16.71 27.65
CA LEU A 19 -15.46 -15.44 28.33
C LEU A 19 -15.68 -15.60 29.83
N SER A 20 -16.70 -16.37 30.18
CA SER A 20 -17.01 -16.64 31.58
C SER A 20 -15.91 -17.46 32.24
N LYS A 21 -15.39 -18.45 31.54
CA LYS A 21 -14.32 -19.29 32.07
C LYS A 21 -13.01 -18.52 32.22
N TYR A 22 -12.54 -17.93 31.13
CA TYR A 22 -11.21 -17.34 31.08
C TYR A 22 -11.17 -15.87 31.48
N GLY A 23 -12.30 -15.19 31.42
CA GLY A 23 -12.37 -13.80 31.82
C GLY A 23 -11.93 -12.84 30.73
N TYR A 24 -12.09 -11.56 30.98
CA TYR A 24 -11.85 -10.55 29.96
C TYR A 24 -10.39 -10.36 29.65
N GLU A 25 -9.54 -10.46 30.67
CA GLU A 25 -8.12 -10.21 30.49
C GLU A 25 -7.50 -11.21 29.50
N MET A 26 -8.14 -12.38 29.37
CA MET A 26 -7.67 -13.39 28.42
C MET A 26 -8.05 -13.00 27.00
N PHE A 27 -9.24 -12.45 26.84
CA PHE A 27 -9.67 -11.93 25.55
C PHE A 27 -8.87 -10.69 25.20
N GLN A 28 -8.56 -9.90 26.22
CA GLN A 28 -7.70 -8.74 26.05
C GLN A 28 -6.30 -9.19 25.60
N MET A 29 -5.83 -10.30 26.18
CA MET A 29 -4.53 -10.87 25.83
C MET A 29 -4.53 -11.43 24.41
N ASP A 30 -5.69 -11.87 23.95
CA ASP A 30 -5.81 -12.46 22.62
C ASP A 30 -6.07 -11.39 21.56
N GLY A 31 -6.25 -10.15 21.99
CA GLY A 31 -6.52 -9.05 21.08
C GLY A 31 -7.98 -8.93 20.70
N LEU A 32 -8.86 -9.50 21.54
CA LEU A 32 -10.30 -9.44 21.32
C LEU A 32 -11.01 -8.78 22.50
N GLY A 33 -10.31 -7.89 23.18
CA GLY A 33 -10.87 -7.10 24.26
C GLY A 33 -11.21 -5.69 23.81
N ASP A 34 -10.54 -4.71 24.42
CA ASP A 34 -10.77 -3.30 24.10
C ASP A 34 -10.34 -2.92 22.68
N GLN A 35 -9.54 -3.77 22.05
CA GLN A 35 -9.03 -3.49 20.71
C GLN A 35 -10.15 -3.51 19.68
N LEU A 36 -11.29 -4.13 20.03
CA LEU A 36 -12.44 -4.18 19.14
C LEU A 36 -13.24 -2.88 19.20
N ASP A 37 -12.95 -2.06 20.21
CA ASP A 37 -13.64 -0.78 20.37
C ASP A 37 -12.90 0.29 19.57
N VAL A 38 -13.52 0.74 18.49
CA VAL A 38 -12.89 1.67 17.56
C VAL A 38 -12.52 2.99 18.23
N VAL A 39 -13.40 3.52 19.08
CA VAL A 39 -13.12 4.77 19.76
C VAL A 39 -11.93 4.61 20.68
N LYS A 40 -11.95 3.54 21.49
CA LYS A 40 -10.85 3.24 22.40
C LYS A 40 -9.58 2.98 21.63
N PHE A 41 -9.67 2.17 20.59
CA PHE A 41 -8.51 1.82 19.78
C PHE A 41 -7.90 3.06 19.14
N THR A 42 -8.75 3.95 18.64
CA THR A 42 -8.27 5.12 17.91
C THR A 42 -7.54 6.07 18.85
N GLU A 43 -8.21 6.52 19.90
CA GLU A 43 -7.61 7.48 20.81
C GLU A 43 -6.41 6.88 21.52
N ASP A 44 -6.35 5.55 21.54
CA ASP A 44 -5.17 4.84 22.00
C ASP A 44 -4.04 4.98 20.98
N PHE A 45 -4.36 4.77 19.71
CA PHE A 45 -3.40 4.87 18.62
C PHE A 45 -2.83 6.28 18.48
N VAL A 46 -3.58 7.26 18.99
CA VAL A 46 -3.23 8.68 18.84
C VAL A 46 -1.84 8.99 19.40
N ARG A 47 -1.35 8.13 20.30
CA ARG A 47 0.01 8.26 20.84
C ARG A 47 1.05 8.30 19.72
N THR A 64 5.24 6.00 13.88
CA THR A 64 4.79 5.73 12.51
C THR A 64 3.53 6.54 12.23
N ASN A 65 3.29 6.84 10.96
CA ASN A 65 2.29 7.84 10.58
C ASN A 65 0.87 7.31 10.44
N ILE A 66 0.00 8.12 9.82
CA ILE A 66 -1.44 7.87 9.75
C ILE A 66 -1.82 6.72 8.81
N SER A 67 -1.01 6.49 7.78
CA SER A 67 -1.31 5.43 6.82
C SER A 67 -1.35 4.08 7.54
N THR A 68 -0.68 4.01 8.69
CA THR A 68 -0.67 2.82 9.52
C THR A 68 -2.04 2.59 10.15
N TYR A 69 -2.71 3.68 10.49
CA TYR A 69 -3.97 3.61 11.23
C TYR A 69 -4.99 2.68 10.59
N PHE A 70 -5.08 2.73 9.27
CA PHE A 70 -6.14 2.02 8.55
C PHE A 70 -5.84 0.54 8.41
N ILE A 71 -4.56 0.19 8.49
CA ILE A 71 -4.15 -1.21 8.49
C ILE A 71 -4.35 -1.84 9.87
N GLU A 72 -4.03 -1.09 10.92
CA GLU A 72 -4.08 -1.64 12.27
C GLU A 72 -5.50 -1.72 12.82
N ILE A 73 -6.37 -0.81 12.39
CA ILE A 73 -7.72 -0.71 12.94
C ILE A 73 -8.55 -1.98 12.72
N SER A 74 -8.41 -2.59 11.55
CA SER A 74 -9.29 -3.69 11.15
C SER A 74 -8.81 -5.07 11.60
N LYS A 75 -7.58 -5.16 12.12
CA LYS A 75 -6.99 -6.45 12.45
C LYS A 75 -7.77 -7.25 13.48
N PRO A 76 -8.19 -6.61 14.58
CA PRO A 76 -9.03 -7.34 15.54
C PRO A 76 -10.31 -7.89 14.92
N HIS A 77 -10.83 -7.18 13.93
CA HIS A 77 -12.11 -7.54 13.33
C HIS A 77 -11.94 -8.66 12.28
N THR A 78 -10.84 -8.61 11.54
CA THR A 78 -10.55 -9.63 10.54
C THR A 78 -10.07 -10.93 11.20
N TYR A 79 -9.39 -10.78 12.34
CA TYR A 79 -9.05 -11.93 13.16
C TYR A 79 -10.34 -12.61 13.61
N LEU A 80 -11.25 -11.81 14.16
CA LEU A 80 -12.50 -12.35 14.70
C LEU A 80 -13.33 -13.02 13.62
N TYR A 81 -13.28 -12.51 12.39
CA TYR A 81 -13.99 -13.16 11.29
C TYR A 81 -13.30 -14.47 10.90
N SER A 82 -11.97 -14.45 10.81
CA SER A 82 -11.21 -15.62 10.38
C SER A 82 -11.35 -16.75 11.40
N LEU A 83 -11.32 -16.40 12.67
CA LEU A 83 -11.57 -17.35 13.74
C LEU A 83 -12.93 -18.00 13.55
N TYR A 84 -13.92 -17.16 13.27
CA TYR A 84 -15.29 -17.60 13.03
C TYR A 84 -15.40 -18.46 11.78
N ARG A 85 -14.71 -18.05 10.71
CA ARG A 85 -14.77 -18.79 9.45
C ARG A 85 -14.09 -20.15 9.58
N ILE A 86 -12.96 -20.19 10.29
CA ILE A 86 -12.25 -21.44 10.48
C ILE A 86 -13.07 -22.35 11.38
N TRP A 87 -13.69 -21.76 12.40
CA TRP A 87 -14.59 -22.50 13.28
C TRP A 87 -15.69 -23.17 12.46
N GLN A 88 -16.28 -22.40 11.56
CA GLN A 88 -17.33 -22.90 10.67
C GLN A 88 -16.82 -24.04 9.81
N LYS A 89 -15.67 -23.83 9.19
CA LYS A 89 -15.11 -24.82 8.27
C LYS A 89 -14.73 -26.10 9.01
N MET A 90 -14.08 -25.96 10.15
CA MET A 90 -13.68 -27.12 10.95
C MET A 90 -14.92 -27.90 11.41
N LYS A 91 -15.98 -27.19 11.76
CA LYS A 91 -17.22 -27.83 12.18
C LYS A 91 -17.82 -28.60 11.00
N GLU A 92 -17.80 -28.01 9.83
CA GLU A 92 -18.27 -28.67 8.61
C GLU A 92 -17.49 -29.98 8.37
N MET A 93 -16.17 -29.90 8.51
CA MET A 93 -15.29 -31.00 8.13
C MET A 93 -15.12 -32.05 9.22
N PHE A 94 -15.19 -31.63 10.48
CA PHE A 94 -14.83 -32.51 11.59
C PHE A 94 -15.77 -32.41 12.80
N GLY A 95 -16.89 -31.72 12.65
CA GLY A 95 -17.89 -31.64 13.71
C GLY A 95 -17.64 -30.53 14.70
N LYS A 96 -18.69 -30.12 15.40
CA LYS A 96 -18.65 -28.99 16.32
C LYS A 96 -17.58 -29.14 17.41
N GLY A 97 -17.49 -30.33 17.99
CA GLY A 97 -16.58 -30.59 19.09
C GLY A 97 -15.13 -30.22 18.78
N VAL A 98 -14.65 -30.66 17.61
CA VAL A 98 -13.30 -30.33 17.17
C VAL A 98 -13.17 -28.83 16.91
N ALA A 99 -14.21 -28.24 16.32
CA ALA A 99 -14.20 -26.82 16.00
C ALA A 99 -14.14 -25.98 17.27
N ASP A 100 -14.97 -26.32 18.25
CA ASP A 100 -14.96 -25.63 19.53
C ASP A 100 -13.59 -25.76 20.20
N GLU A 101 -13.02 -26.96 20.13
CA GLU A 101 -11.76 -27.24 20.79
C GLU A 101 -10.63 -26.36 20.25
N PHE A 102 -10.62 -26.12 18.95
CA PHE A 102 -9.59 -25.28 18.36
C PHE A 102 -9.71 -23.82 18.79
N VAL A 103 -10.93 -23.31 18.84
CA VAL A 103 -11.17 -21.92 19.24
C VAL A 103 -10.68 -21.71 20.67
N GLU A 104 -11.06 -22.62 21.56
CA GLU A 104 -10.64 -22.55 22.95
C GLU A 104 -9.13 -22.56 23.07
N ALA A 105 -8.49 -23.48 22.36
CA ALA A 105 -7.03 -23.59 22.34
C ALA A 105 -6.37 -22.34 21.78
N GLN A 106 -7.00 -21.73 20.77
CA GLN A 106 -6.48 -20.51 20.17
C GLN A 106 -6.55 -19.34 21.14
N ILE A 107 -7.65 -19.26 21.88
CA ILE A 107 -7.88 -18.15 22.80
C ILE A 107 -7.17 -18.36 24.14
N ASN A 108 -7.14 -19.59 24.63
CA ASN A 108 -6.52 -19.84 25.94
C ASN A 108 -5.00 -19.89 25.85
N GLY A 109 -4.49 -20.13 24.64
CA GLY A 109 -3.06 -20.08 24.38
C GLY A 109 -2.39 -21.44 24.25
N ALA A 110 -3.18 -22.49 24.05
CA ALA A 110 -2.62 -23.83 23.83
C ALA A 110 -1.92 -23.89 22.47
N VAL A 111 -2.48 -23.18 21.50
CA VAL A 111 -1.90 -23.07 20.17
C VAL A 111 -1.85 -21.61 19.77
N TYR A 112 -0.97 -21.31 18.81
CA TYR A 112 -0.85 -19.96 18.27
C TYR A 112 -1.09 -19.97 16.77
N LEU A 113 -2.25 -19.47 16.37
CA LEU A 113 -2.54 -19.24 14.95
C LEU A 113 -1.73 -18.03 14.48
N HIS A 114 -0.92 -18.24 13.44
CA HIS A 114 -0.07 -17.17 12.94
C HIS A 114 -0.79 -16.31 11.91
N ASP A 115 -0.45 -15.02 11.92
CA ASP A 115 -1.11 -14.04 11.06
C ASP A 115 -2.63 -14.22 11.11
N ARG A 116 -3.16 -14.32 12.32
CA ARG A 116 -4.55 -14.70 12.52
C ARG A 116 -5.52 -13.69 11.91
N HIS A 117 -5.12 -12.43 11.88
CA HIS A 117 -5.90 -11.39 11.22
C HIS A 117 -6.03 -11.63 9.71
N HIS A 118 -5.20 -12.51 9.16
CA HIS A 118 -5.24 -12.86 7.73
C HIS A 118 -5.68 -14.31 7.50
N ALA A 119 -5.79 -15.08 8.58
CA ALA A 119 -5.83 -16.54 8.53
C ALA A 119 -6.89 -17.15 7.61
N ALA A 120 -8.02 -16.47 7.45
CA ALA A 120 -9.11 -16.98 6.62
C ALA A 120 -9.29 -16.13 5.38
N LEU A 121 -8.21 -15.50 4.95
CA LEU A 121 -8.28 -14.49 3.90
C LEU A 121 -7.18 -14.67 2.85
N MET A 122 -5.93 -14.82 3.28
CA MET A 122 -4.84 -15.06 2.33
C MET A 122 -3.75 -15.95 2.94
N PRO A 123 -2.92 -16.56 2.08
CA PRO A 123 -1.88 -17.47 2.55
C PRO A 123 -0.67 -16.78 3.16
N TYR A 124 0.33 -17.56 3.55
CA TYR A 124 1.44 -17.09 4.37
C TYR A 124 2.66 -16.69 3.55
N CYS A 125 3.37 -17.66 2.98
CA CYS A 125 4.61 -17.34 2.26
C CYS A 125 4.98 -18.34 1.16
N PHE A 126 5.84 -17.90 0.26
CA PHE A 126 6.29 -18.72 -0.85
C PHE A 126 7.56 -18.15 -1.47
N ALA A 127 8.48 -19.02 -1.86
CA ALA A 127 9.71 -18.62 -2.53
C ALA A 127 9.52 -18.76 -4.03
N TYR A 128 9.50 -17.64 -4.74
CA TYR A 128 9.15 -17.63 -6.15
C TYR A 128 10.37 -17.78 -7.06
N THR A 129 10.14 -18.29 -8.27
CA THR A 129 11.08 -18.12 -9.37
C THR A 129 10.59 -16.95 -10.22
N LEU A 130 11.51 -16.16 -10.75
CA LEU A 130 11.15 -14.98 -11.54
C LEU A 130 10.91 -15.34 -13.00
N LYS A 131 11.08 -16.62 -13.33
CA LYS A 131 10.90 -17.10 -14.69
C LYS A 131 9.61 -16.56 -15.33
N PRO A 132 8.44 -16.81 -14.70
CA PRO A 132 7.19 -16.39 -15.35
C PRO A 132 7.04 -14.88 -15.48
N ILE A 133 7.79 -14.13 -14.68
CA ILE A 133 7.80 -12.69 -14.78
C ILE A 133 8.62 -12.30 -16.01
N VAL A 134 9.77 -12.94 -16.16
CA VAL A 134 10.64 -12.71 -17.30
C VAL A 134 9.93 -13.05 -18.60
N GLU A 135 9.10 -14.09 -18.56
CA GLU A 135 8.49 -14.64 -19.77
C GLU A 135 7.14 -14.01 -20.11
N LYS A 136 6.37 -13.61 -19.11
CA LYS A 136 5.01 -13.09 -19.33
C LYS A 136 4.87 -11.62 -18.96
N GLY A 137 5.87 -11.07 -18.28
CA GLY A 137 5.79 -9.70 -17.79
C GLY A 137 4.82 -9.58 -16.63
N LEU A 138 3.98 -8.54 -16.68
CA LEU A 138 2.99 -8.30 -15.62
C LEU A 138 1.58 -8.19 -16.21
N PRO A 139 0.99 -9.33 -16.57
CA PRO A 139 -0.39 -9.32 -17.06
C PRO A 139 -1.41 -9.29 -15.92
N PHE A 140 -0.98 -9.75 -14.74
CA PHE A 140 -1.88 -9.89 -13.59
C PHE A 140 -2.15 -8.57 -12.87
N ILE A 141 -1.44 -7.52 -13.25
CA ILE A 141 -1.76 -6.19 -12.77
C ILE A 141 -2.92 -5.67 -13.60
N LYS A 142 -4.00 -5.27 -12.95
CA LYS A 142 -5.22 -4.90 -13.66
C LYS A 142 -5.34 -3.40 -13.92
N THR A 143 -4.67 -2.59 -13.11
CA THR A 143 -4.67 -1.14 -13.33
C THR A 143 -3.92 -0.80 -14.61
N ILE A 144 -2.92 -1.60 -14.95
CA ILE A 144 -2.20 -1.47 -16.21
C ILE A 144 -1.37 -2.72 -16.48
N LYS A 145 -1.14 -3.02 -17.75
CA LYS A 145 -0.43 -4.24 -18.15
C LYS A 145 0.98 -3.94 -18.68
N SER A 146 1.91 -4.83 -18.37
CA SER A 146 3.30 -4.70 -18.79
C SER A 146 3.76 -5.90 -19.63
N GLU A 147 4.43 -5.61 -20.74
CA GLU A 147 5.04 -6.65 -21.57
C GLU A 147 6.24 -7.22 -20.85
N PRO A 148 6.78 -8.34 -21.34
CA PRO A 148 8.02 -8.86 -20.75
C PRO A 148 9.17 -7.86 -20.86
N ALA A 149 10.00 -7.80 -19.82
CA ALA A 149 11.09 -6.81 -19.76
C ALA A 149 12.11 -7.05 -20.85
N LYS A 150 12.66 -5.95 -21.37
CA LYS A 150 13.69 -5.99 -22.41
C LYS A 150 14.97 -5.29 -21.97
N HIS A 151 14.98 -4.78 -20.74
CA HIS A 151 16.14 -4.04 -20.24
C HIS A 151 16.31 -4.27 -18.74
N LEU A 152 17.53 -4.06 -18.26
CA LEU A 152 17.83 -4.27 -16.86
C LEU A 152 16.96 -3.37 -15.98
N SER A 153 16.74 -2.14 -16.44
CA SER A 153 15.96 -1.15 -15.71
C SER A 153 14.52 -1.62 -15.53
N THR A 154 13.91 -2.11 -16.60
CA THR A 154 12.54 -2.61 -16.54
C THR A 154 12.43 -3.89 -15.72
N PHE A 155 13.39 -4.79 -15.91
CA PHE A 155 13.43 -6.04 -15.17
C PHE A 155 13.43 -5.79 -13.67
N ILE A 156 14.33 -4.93 -13.22
CA ILE A 156 14.37 -4.53 -11.82
C ILE A 156 13.01 -4.00 -11.40
N GLN A 157 12.44 -3.15 -12.26
CA GLN A 157 11.19 -2.50 -11.94
C GLN A 157 10.06 -3.52 -11.81
N HIS A 158 10.08 -4.53 -12.68
CA HIS A 158 9.07 -5.59 -12.62
C HIS A 158 9.16 -6.38 -11.31
N VAL A 159 10.38 -6.57 -10.80
CA VAL A 159 10.56 -7.28 -9.54
C VAL A 159 9.93 -6.47 -8.42
N ILE A 160 10.17 -5.16 -8.45
CA ILE A 160 9.64 -4.25 -7.45
C ILE A 160 8.12 -4.31 -7.46
N GLN A 161 7.52 -4.19 -8.63
CA GLN A 161 6.06 -4.25 -8.73
C GLN A 161 5.55 -5.62 -8.29
N PHE A 162 6.32 -6.67 -8.56
CA PHE A 162 5.91 -8.02 -8.17
C PHE A 162 5.90 -8.19 -6.66
N VAL A 163 6.95 -7.72 -6.00
CA VAL A 163 7.02 -7.81 -4.55
C VAL A 163 5.89 -7.00 -3.92
N MET A 164 5.55 -5.86 -4.51
CA MET A 164 4.42 -5.07 -4.00
CA MET A 164 4.43 -5.07 -4.03
C MET A 164 3.15 -5.89 -4.14
N PHE A 165 2.96 -6.48 -5.31
CA PHE A 165 1.81 -7.32 -5.58
C PHE A 165 1.76 -8.49 -4.59
N ALA A 166 2.87 -9.20 -4.47
CA ALA A 166 2.90 -10.42 -3.68
C ALA A 166 2.87 -10.17 -2.17
N SER A 167 3.50 -9.10 -1.72
CA SER A 167 3.63 -8.86 -0.28
C SER A 167 2.32 -8.37 0.36
N ASN A 168 1.35 -8.02 -0.47
CA ASN A 168 0.01 -7.65 0.00
C ASN A 168 -1.04 -8.71 -0.35
N GLN A 169 -0.58 -9.83 -0.91
CA GLN A 169 -1.44 -10.98 -1.19
C GLN A 169 -1.08 -12.13 -0.28
N SER A 170 -0.18 -11.86 0.66
CA SER A 170 0.31 -12.88 1.57
C SER A 170 0.87 -12.22 2.83
N SER A 171 0.91 -12.98 3.92
CA SER A 171 1.34 -12.45 5.19
C SER A 171 2.85 -12.53 5.41
N GLY A 172 3.49 -13.50 4.78
CA GLY A 172 4.86 -13.86 5.08
C GLY A 172 5.88 -13.43 4.03
N ALA A 173 6.98 -14.16 3.98
CA ALA A 173 8.10 -13.80 3.14
C ALA A 173 7.78 -13.90 1.67
N VAL A 174 8.41 -13.05 0.88
CA VAL A 174 8.49 -13.17 -0.56
C VAL A 174 9.94 -13.55 -0.91
N GLY A 175 10.14 -14.80 -1.29
CA GLY A 175 11.48 -15.29 -1.57
C GLY A 175 11.85 -15.13 -3.03
N LEU A 176 13.06 -14.65 -3.26
CA LEU A 176 13.57 -14.45 -4.62
C LEU A 176 14.93 -15.11 -4.80
N PRO A 177 15.00 -16.44 -4.63
CA PRO A 177 16.28 -17.16 -4.62
C PRO A 177 17.04 -17.05 -5.93
N ASP A 178 16.34 -17.17 -7.05
CA ASP A 178 16.99 -17.22 -8.36
C ASP A 178 17.04 -15.84 -9.04
N PHE A 179 16.97 -14.78 -8.23
CA PHE A 179 16.96 -13.43 -8.78
C PHE A 179 18.18 -13.15 -9.66
N PHE A 180 19.36 -13.52 -9.18
CA PHE A 180 20.60 -13.17 -9.87
C PHE A 180 20.78 -13.97 -11.17
N VAL A 181 20.12 -15.12 -11.25
CA VAL A 181 20.14 -15.91 -12.48
C VAL A 181 19.57 -15.10 -13.62
N TRP A 182 18.44 -14.45 -13.36
CA TRP A 182 17.72 -13.72 -14.40
C TRP A 182 18.25 -12.30 -14.58
N MET A 183 18.84 -11.74 -13.54
CA MET A 183 19.37 -10.39 -13.65
C MET A 183 20.57 -10.38 -14.59
N TRP A 184 21.40 -11.42 -14.56
CA TRP A 184 22.58 -11.44 -15.41
C TRP A 184 22.20 -11.34 -16.88
N TYR A 185 21.14 -12.04 -17.27
CA TYR A 185 20.65 -12.01 -18.64
C TYR A 185 20.40 -10.58 -19.13
N PHE A 186 19.86 -9.73 -18.27
CA PHE A 186 19.52 -8.36 -18.65
C PHE A 186 20.72 -7.43 -18.47
N VAL A 187 21.73 -7.88 -17.73
CA VAL A 187 23.00 -7.17 -17.71
C VAL A 187 23.70 -7.38 -19.04
N LYS A 188 23.70 -8.62 -19.52
CA LYS A 188 24.35 -8.95 -20.78
C LYS A 188 23.66 -8.23 -21.94
N LYS A 189 22.34 -8.11 -21.86
CA LYS A 189 21.57 -7.53 -22.94
C LYS A 189 21.83 -6.02 -23.06
N ASP A 190 21.77 -5.32 -21.94
CA ASP A 190 22.03 -3.88 -21.92
C ASP A 190 23.49 -3.58 -22.21
N LEU A 191 24.36 -4.54 -21.94
CA LEU A 191 25.77 -4.39 -22.28
C LEU A 191 25.95 -4.63 -23.78
N LYS A 192 25.26 -5.63 -24.30
CA LYS A 192 25.27 -5.93 -25.73
C LYS A 192 24.93 -4.70 -26.56
N GLU A 193 23.80 -4.10 -26.22
CA GLU A 193 23.19 -3.06 -27.04
C GLU A 193 23.80 -1.69 -26.81
N GLY A 194 24.79 -1.62 -25.91
CA GLY A 194 25.51 -0.39 -25.68
C GLY A 194 24.73 0.65 -24.91
N ILE A 195 24.02 0.20 -23.87
CA ILE A 195 23.25 1.09 -23.02
C ILE A 195 24.11 1.50 -21.81
N ILE A 196 25.18 0.75 -21.57
CA ILE A 196 26.05 1.00 -20.43
C ILE A 196 27.33 1.72 -20.82
N PRO A 197 27.69 2.79 -20.10
CA PRO A 197 29.04 3.34 -20.30
C PRO A 197 30.09 2.40 -19.74
N ARG A 198 30.83 1.71 -20.60
CA ARG A 198 31.75 0.66 -20.18
C ARG A 198 32.85 1.18 -19.27
N ASP A 199 33.09 2.49 -19.30
CA ASP A 199 34.03 3.11 -18.38
C ASP A 199 33.46 3.13 -16.95
N LYS A 200 32.17 2.83 -16.83
CA LYS A 200 31.51 2.73 -15.53
C LYS A 200 30.49 1.58 -15.51
N LEU A 201 30.99 0.35 -15.61
CA LEU A 201 30.12 -0.82 -15.59
C LEU A 201 29.73 -1.17 -14.16
N ASP A 202 30.70 -1.10 -13.25
CA ASP A 202 30.45 -1.41 -11.84
C ASP A 202 29.47 -0.43 -11.22
N TRP A 203 29.53 0.83 -11.63
CA TRP A 203 28.57 1.82 -11.13
C TRP A 203 27.17 1.46 -11.61
N TYR A 204 27.08 1.01 -12.87
CA TYR A 204 25.81 0.67 -13.48
C TYR A 204 25.16 -0.52 -12.80
N ILE A 205 25.93 -1.58 -12.58
CA ILE A 205 25.45 -2.76 -11.86
C ILE A 205 25.02 -2.36 -10.45
N GLU A 206 25.89 -1.62 -9.78
CA GLU A 206 25.68 -1.29 -8.37
C GLU A 206 24.56 -0.27 -8.20
N GLN A 207 24.20 0.41 -9.29
CA GLN A 207 23.11 1.37 -9.27
C GLN A 207 21.78 0.62 -9.25
N HIS A 208 21.72 -0.46 -10.01
CA HIS A 208 20.51 -1.27 -10.07
C HIS A 208 20.40 -2.15 -8.83
N PHE A 209 21.53 -2.49 -8.22
CA PHE A 209 21.54 -3.08 -6.90
C PHE A 209 20.90 -2.10 -5.91
N GLN A 210 21.34 -0.85 -6.00
CA GLN A 210 20.94 0.19 -5.07
C GLN A 210 19.46 0.52 -5.21
N ILE A 211 18.99 0.63 -6.45
CA ILE A 211 17.62 1.00 -6.71
C ILE A 211 16.69 -0.09 -6.23
N LEU A 212 17.03 -1.34 -6.50
CA LEU A 212 16.21 -2.46 -6.05
C LEU A 212 16.19 -2.56 -4.54
N THR A 213 17.38 -2.56 -3.94
CA THR A 213 17.51 -2.71 -2.49
C THR A 213 16.76 -1.63 -1.72
N TYR A 214 16.92 -0.39 -2.13
CA TYR A 214 16.29 0.71 -1.41
C TYR A 214 14.76 0.67 -1.56
N SER A 215 14.29 0.19 -2.70
CA SER A 215 12.85 0.05 -2.91
C SER A 215 12.26 -1.05 -2.04
N LEU A 216 13.00 -2.15 -1.87
CA LEU A 216 12.52 -3.26 -1.05
C LEU A 216 12.51 -2.89 0.43
N ASN A 217 13.17 -1.78 0.78
CA ASN A 217 13.15 -1.28 2.15
C ASN A 217 12.24 -0.06 2.30
N GLN A 218 11.27 0.06 1.41
CA GLN A 218 10.23 1.09 1.50
C GLN A 218 9.01 0.46 2.16
N PRO A 219 8.20 1.27 2.86
CA PRO A 219 7.01 0.75 3.55
C PRO A 219 5.92 0.29 2.58
N ILE A 220 6.24 -0.74 1.81
CA ILE A 220 5.35 -1.25 0.76
C ILE A 220 4.17 -2.02 1.35
N ARG A 221 4.34 -2.56 2.56
CA ARG A 221 3.23 -3.13 3.31
C ARG A 221 2.65 -2.08 4.27
N THR A 222 2.80 -0.80 3.90
CA THR A 222 2.25 0.32 4.67
C THR A 222 2.89 0.47 6.04
N THR A 223 2.57 -0.45 6.95
CA THR A 223 3.08 -0.40 8.31
C THR A 223 4.58 -0.71 8.35
N GLN A 224 5.08 -1.33 7.28
CA GLN A 224 6.47 -1.75 7.21
C GLN A 224 6.85 -2.16 5.79
N SER A 225 8.12 -2.47 5.60
CA SER A 225 8.59 -2.97 4.32
C SER A 225 8.22 -4.43 4.15
N PRO A 226 8.25 -4.92 2.90
CA PRO A 226 7.99 -6.35 2.70
C PRO A 226 9.08 -7.18 3.30
N TYR A 227 8.81 -8.45 3.57
CA TYR A 227 9.83 -9.38 4.00
C TYR A 227 10.29 -10.16 2.78
N THR A 228 11.54 -9.97 2.39
CA THR A 228 12.08 -10.57 1.18
C THR A 228 13.40 -11.30 1.42
N ASN A 229 13.64 -12.33 0.62
CA ASN A 229 14.84 -13.17 0.74
C ASN A 229 15.64 -13.28 -0.54
N PHE A 230 16.94 -13.04 -0.45
CA PHE A 230 17.86 -13.38 -1.52
C PHE A 230 18.66 -14.62 -1.14
N THR A 231 19.02 -15.39 -2.15
CA THR A 231 19.83 -16.57 -1.96
C THR A 231 21.04 -16.55 -2.88
N TYR A 232 22.22 -16.61 -2.27
CA TYR A 232 23.44 -16.92 -3.00
C TYR A 232 23.41 -18.42 -3.28
N LEU A 233 22.98 -18.79 -4.49
CA LEU A 233 23.03 -20.19 -4.90
C LEU A 233 24.47 -20.53 -5.25
N ASP A 234 24.99 -21.59 -4.65
CA ASP A 234 26.34 -22.03 -4.97
C ASP A 234 26.32 -22.70 -6.34
N ARG A 235 27.50 -23.03 -6.86
CA ARG A 235 27.61 -23.61 -8.19
C ARG A 235 26.82 -24.91 -8.31
N ASN A 236 26.85 -25.73 -7.27
CA ASN A 236 26.14 -27.00 -7.29
C ASN A 236 24.64 -26.81 -7.46
N TYR A 237 24.09 -25.82 -6.76
CA TYR A 237 22.67 -25.57 -6.79
C TYR A 237 22.20 -24.97 -8.11
N ILE A 238 22.99 -24.06 -8.68
CA ILE A 238 22.65 -23.45 -9.98
C ILE A 238 22.53 -24.55 -11.04
N LYS A 239 23.47 -25.49 -11.01
CA LYS A 239 23.50 -26.60 -11.96
C LYS A 239 22.25 -27.49 -11.86
N ALA A 240 21.91 -27.88 -10.64
CA ALA A 240 20.81 -28.80 -10.41
C ALA A 240 19.46 -28.18 -10.77
N ILE A 241 19.23 -26.97 -10.28
CA ILE A 241 17.94 -26.31 -10.44
C ILE A 241 17.61 -26.07 -11.91
N PHE A 242 18.56 -25.47 -12.62
CA PHE A 242 18.30 -24.98 -13.98
C PHE A 242 18.93 -25.86 -15.05
N GLU A 243 19.12 -27.13 -14.72
CA GLU A 243 19.58 -28.10 -15.69
C GLU A 243 18.60 -28.14 -16.87
N GLY A 244 19.12 -27.88 -18.07
CA GLY A 244 18.32 -27.93 -19.28
C GLY A 244 17.46 -26.70 -19.53
N GLU A 245 17.33 -25.84 -18.53
CA GLU A 245 16.50 -24.64 -18.66
C GLU A 245 17.20 -23.56 -19.47
N ARG A 246 16.45 -22.93 -20.36
CA ARG A 246 17.02 -21.96 -21.29
C ARG A 246 16.62 -20.53 -20.97
N TYR A 247 17.44 -19.58 -21.39
CA TYR A 247 17.11 -18.16 -21.33
C TYR A 247 16.15 -17.82 -22.47
N PRO A 248 15.50 -16.65 -22.39
CA PRO A 248 14.59 -16.22 -23.46
C PRO A 248 15.27 -16.14 -24.83
N ASP A 249 16.58 -15.94 -24.86
CA ASP A 249 17.33 -15.89 -26.12
C ASP A 249 17.74 -17.28 -26.61
N GLY A 250 17.32 -18.30 -25.87
CA GLY A 250 17.55 -19.69 -26.28
C GLY A 250 18.81 -20.32 -25.71
N SER A 251 19.72 -19.50 -25.20
CA SER A 251 20.95 -20.03 -24.60
C SER A 251 20.64 -20.76 -23.31
N LEU A 252 21.57 -21.63 -22.89
CA LEU A 252 21.39 -22.44 -21.68
C LEU A 252 21.86 -21.69 -20.44
N ILE A 253 21.04 -21.72 -19.40
CA ILE A 253 21.36 -21.03 -18.15
C ILE A 253 22.62 -21.64 -17.51
N THR A 254 22.72 -22.97 -17.57
CA THR A 254 23.88 -23.67 -17.00
C THR A 254 25.21 -23.22 -17.61
N ASP A 255 25.18 -22.76 -18.86
CA ASP A 255 26.40 -22.32 -19.52
C ASP A 255 26.96 -21.04 -18.90
N HIS A 256 26.19 -20.42 -18.00
CA HIS A 256 26.57 -19.15 -17.40
C HIS A 256 26.65 -19.20 -15.88
N VAL A 257 27.03 -20.35 -15.33
CA VAL A 257 27.17 -20.49 -13.88
C VAL A 257 28.13 -19.43 -13.35
N GLU A 258 29.33 -19.39 -13.94
CA GLU A 258 30.37 -18.47 -13.49
C GLU A 258 29.94 -17.02 -13.65
N ASP A 259 29.21 -16.72 -14.71
CA ASP A 259 28.66 -15.39 -14.89
C ASP A 259 27.67 -15.07 -13.76
N ILE A 260 26.80 -16.02 -13.48
CA ILE A 260 25.81 -15.86 -12.41
C ILE A 260 26.48 -15.77 -11.05
N ILE A 261 27.58 -16.49 -10.86
CA ILE A 261 28.29 -16.47 -9.57
C ILE A 261 28.87 -15.08 -9.29
N ALA A 262 29.58 -14.53 -10.27
CA ALA A 262 30.23 -13.23 -10.11
C ALA A 262 29.22 -12.12 -9.83
N LEU A 263 28.06 -12.20 -10.47
CA LEU A 263 27.02 -11.21 -10.22
C LEU A 263 26.56 -11.30 -8.77
N GLN A 264 26.38 -12.52 -8.26
CA GLN A 264 26.01 -12.73 -6.87
C GLN A 264 27.08 -12.17 -5.92
N LYS A 265 28.33 -12.56 -6.15
CA LYS A 265 29.45 -12.06 -5.36
C LYS A 265 29.48 -10.54 -5.36
N HIS A 266 29.20 -9.95 -6.52
CA HIS A 266 29.21 -8.51 -6.68
C HIS A 266 28.23 -7.86 -5.70
N TYR A 267 27.02 -8.40 -5.66
CA TYR A 267 25.99 -7.85 -4.78
C TYR A 267 26.38 -7.96 -3.30
N TRP A 268 26.89 -9.12 -2.90
CA TRP A 268 27.30 -9.32 -1.52
C TRP A 268 28.41 -8.36 -1.12
N GLU A 269 29.36 -8.13 -2.03
CA GLU A 269 30.42 -7.16 -1.80
C GLU A 269 29.85 -5.76 -1.71
N TRP A 270 28.94 -5.43 -2.63
CA TRP A 270 28.31 -4.11 -2.64
C TRP A 270 27.49 -3.84 -1.37
N VAL A 271 26.72 -4.80 -0.90
CA VAL A 271 25.89 -4.56 0.28
C VAL A 271 26.76 -4.34 1.50
N SER A 272 27.80 -5.15 1.64
CA SER A 272 28.75 -4.97 2.74
C SER A 272 29.32 -3.56 2.68
N ARG A 273 29.52 -3.08 1.45
CA ARG A 273 30.06 -1.76 1.22
C ARG A 273 29.03 -0.67 1.48
N GLU A 274 27.76 -0.99 1.20
CA GLU A 274 26.69 -0.01 1.26
C GLU A 274 26.22 0.30 2.68
N ARG A 275 26.41 -0.64 3.60
CA ARG A 275 25.83 -0.51 4.93
C ARG A 275 26.32 0.71 5.68
N GLU A 276 27.56 1.11 5.46
CA GLU A 276 28.12 2.28 6.15
C GLU A 276 27.35 3.53 5.74
N ARG A 277 26.98 3.61 4.46
CA ARG A 277 26.19 4.73 3.97
C ARG A 277 24.82 4.73 4.61
N GLN A 278 24.13 3.60 4.47
CA GLN A 278 22.79 3.44 5.02
C GLN A 278 22.56 1.98 5.41
N MET A 279 22.19 1.77 6.66
CA MET A 279 21.91 0.42 7.16
C MET A 279 20.48 0.02 6.81
N PHE A 280 20.32 -1.22 6.34
CA PHE A 280 19.02 -1.75 5.98
C PHE A 280 18.91 -3.20 6.41
N THR A 281 17.69 -3.73 6.36
CA THR A 281 17.40 -5.10 6.73
C THR A 281 17.33 -6.02 5.52
N PHE A 282 16.51 -5.63 4.54
CA PHE A 282 16.16 -6.53 3.45
C PHE A 282 16.96 -6.24 2.19
N PRO A 283 17.09 -7.24 1.30
CA PRO A 283 16.58 -8.61 1.50
C PRO A 283 17.41 -9.39 2.53
N VAL A 284 16.75 -10.33 3.19
CA VAL A 284 17.45 -11.26 4.07
C VAL A 284 18.40 -12.08 3.24
N LEU A 285 19.67 -12.14 3.66
CA LEU A 285 20.70 -12.83 2.90
C LEU A 285 20.99 -14.24 3.42
N THR A 286 20.90 -15.21 2.51
CA THR A 286 21.31 -16.58 2.80
C THR A 286 22.24 -17.06 1.70
N ALA A 287 23.23 -17.87 2.10
CA ALA A 287 24.08 -18.58 1.16
C ALA A 287 23.80 -20.08 1.27
N SER A 288 23.38 -20.68 0.16
CA SER A 288 23.07 -22.09 0.12
C SER A 288 24.24 -22.91 -0.42
N LEU A 289 24.84 -23.72 0.44
CA LEU A 289 26.04 -24.46 0.11
C LEU A 289 25.87 -25.96 0.30
N LEU A 290 26.29 -26.72 -0.70
CA LEU A 290 26.28 -28.18 -0.63
C LEU A 290 27.55 -28.66 0.06
N TYR A 291 27.40 -29.62 0.97
CA TYR A 291 28.48 -30.02 1.87
C TYR A 291 28.40 -31.51 2.19
N LYS A 292 29.38 -32.27 1.71
CA LYS A 292 29.43 -33.72 1.91
C LYS A 292 30.80 -34.19 2.34
N ASP A 293 30.82 -35.18 3.24
CA ASP A 293 32.04 -35.82 3.69
C ASP A 293 33.07 -34.82 4.21
N GLY A 294 32.62 -33.85 4.99
CA GLY A 294 33.51 -32.93 5.66
C GLY A 294 34.09 -31.83 4.79
N LYS A 295 33.44 -31.54 3.67
CA LYS A 295 33.93 -30.49 2.79
C LYS A 295 32.84 -29.88 1.91
N PHE A 296 33.04 -28.60 1.58
CA PHE A 296 32.19 -27.90 0.61
C PHE A 296 32.55 -28.30 -0.80
N LEU A 297 31.55 -28.65 -1.61
CA LEU A 297 31.80 -28.99 -3.00
C LEU A 297 32.14 -27.73 -3.80
N ASP A 298 31.49 -26.62 -3.45
CA ASP A 298 31.84 -25.31 -3.99
C ASP A 298 32.61 -24.54 -2.93
N GLU A 299 33.86 -24.94 -2.71
CA GLU A 299 34.70 -24.33 -1.69
C GLU A 299 34.98 -22.86 -1.99
N ASP A 300 34.99 -22.50 -3.27
CA ASP A 300 35.23 -21.12 -3.67
C ASP A 300 34.13 -20.22 -3.11
N SER A 301 32.89 -20.55 -3.44
CA SER A 301 31.75 -19.81 -2.92
C SER A 301 31.78 -19.78 -1.39
N ALA A 302 32.18 -20.90 -0.79
CA ALA A 302 32.20 -21.01 0.66
C ALA A 302 33.18 -20.01 1.30
N ARG A 303 34.40 -19.97 0.80
CA ARG A 303 35.40 -19.05 1.37
C ARG A 303 35.04 -17.60 1.07
N PHE A 304 34.33 -17.37 -0.03
CA PHE A 304 33.87 -16.03 -0.35
C PHE A 304 32.89 -15.52 0.69
N ILE A 305 31.84 -16.31 0.95
CA ILE A 305 30.81 -15.95 1.91
C ILE A 305 31.44 -15.68 3.27
N ASN A 306 32.33 -16.58 3.70
CA ASN A 306 33.01 -16.46 4.98
C ASN A 306 33.80 -15.16 5.08
N LYS A 307 34.37 -14.73 3.95
CA LYS A 307 35.16 -13.50 3.87
C LYS A 307 34.30 -12.24 3.96
N ILE A 308 33.23 -12.18 3.19
CA ILE A 308 32.32 -11.05 3.21
C ILE A 308 31.63 -10.92 4.57
N ASN A 309 31.35 -12.07 5.20
CA ASN A 309 30.64 -12.04 6.49
C ASN A 309 31.48 -11.45 7.62
N MET A 310 32.79 -11.33 7.40
CA MET A 310 33.69 -10.87 8.46
C MET A 310 33.34 -9.47 8.93
N LYS A 311 32.83 -8.64 8.03
CA LYS A 311 32.52 -7.26 8.37
C LYS A 311 31.27 -7.14 9.23
N TRP A 312 30.12 -7.60 8.72
CA TRP A 312 28.84 -7.42 9.41
C TRP A 312 28.22 -8.73 9.91
N GLN A 313 28.71 -9.87 9.41
CA GLN A 313 28.08 -11.16 9.65
C GLN A 313 26.59 -11.05 9.33
N ASP A 314 26.28 -10.73 8.08
CA ASP A 314 24.92 -10.42 7.68
C ASP A 314 24.32 -11.47 6.74
N THR A 315 25.03 -12.58 6.55
CA THR A 315 24.54 -13.68 5.72
C THR A 315 24.40 -14.96 6.53
N ASN A 316 23.22 -15.57 6.45
CA ASN A 316 22.96 -16.85 7.09
C ASN A 316 23.49 -18.01 6.27
N TRP A 317 24.02 -19.02 6.95
CA TRP A 317 24.57 -20.20 6.31
C TRP A 317 23.52 -21.30 6.15
N TYR A 318 23.23 -21.67 4.91
CA TYR A 318 22.35 -22.80 4.63
C TYR A 318 23.22 -23.97 4.19
N ILE A 319 23.12 -25.08 4.93
CA ILE A 319 23.92 -26.27 4.64
C ILE A 319 23.02 -27.45 4.28
N SER A 320 23.38 -28.14 3.21
CA SER A 320 22.62 -29.29 2.73
C SER A 320 23.57 -30.43 2.35
N ASP A 321 23.07 -31.66 2.44
CA ASP A 321 23.87 -32.84 2.17
C ASP A 321 23.47 -33.51 0.86
N SER A 322 22.60 -32.86 0.09
CA SER A 322 22.24 -33.34 -1.24
C SER A 322 21.42 -32.28 -1.98
N ILE A 323 21.28 -32.47 -3.28
CA ILE A 323 20.52 -31.56 -4.14
C ILE A 323 19.42 -32.30 -4.87
N ASP A 324 19.04 -33.45 -4.33
CA ASP A 324 18.03 -34.31 -4.94
C ASP A 324 16.65 -33.66 -4.89
N ALA A 325 16.42 -32.88 -3.84
CA ALA A 325 15.12 -32.25 -3.62
C ALA A 325 14.86 -31.07 -4.56
N VAL A 326 15.87 -30.70 -5.35
CA VAL A 326 15.77 -29.54 -6.23
C VAL A 326 16.16 -29.87 -7.66
N ALA A 327 16.04 -31.14 -8.04
CA ALA A 327 16.43 -31.60 -9.36
C ALA A 327 15.34 -31.32 -10.39
N SER A 328 15.71 -30.63 -11.48
CA SER A 328 14.80 -30.33 -12.58
C SER A 328 13.55 -29.60 -12.09
N CYS A 329 13.74 -28.72 -11.10
CA CYS A 329 12.64 -28.02 -10.45
C CYS A 329 11.74 -27.27 -11.43
N CYS A 330 12.35 -26.42 -12.26
CA CYS A 330 11.61 -25.64 -13.24
C CYS A 330 11.33 -26.47 -14.48
N GLU A 350 3.18 -37.11 -5.21
CA GLU A 350 2.76 -35.74 -4.99
C GLU A 350 3.35 -35.16 -3.72
N LYS A 351 3.85 -36.04 -2.84
CA LYS A 351 4.40 -35.62 -1.56
C LYS A 351 5.54 -34.63 -1.76
N LEU A 352 5.58 -33.63 -0.88
CA LEU A 352 6.47 -32.50 -1.08
C LEU A 352 7.81 -32.68 -0.39
N LYS A 353 8.86 -32.26 -1.07
CA LYS A 353 10.20 -32.26 -0.52
C LYS A 353 10.90 -30.97 -0.92
N GLY A 354 11.73 -30.45 -0.03
CA GLY A 354 12.36 -29.16 -0.21
C GLY A 354 12.27 -28.40 1.09
N ARG A 355 13.36 -27.73 1.45
CA ARG A 355 13.45 -27.13 2.77
C ARG A 355 12.51 -25.93 2.90
N MET A 356 11.77 -25.91 4.01
CA MET A 356 10.94 -24.79 4.39
C MET A 356 11.51 -24.13 5.64
N ASN A 357 11.79 -22.84 5.54
CA ASN A 357 12.28 -22.07 6.66
C ASN A 357 11.72 -20.67 6.59
N SER A 358 11.17 -20.22 7.71
CA SER A 358 10.45 -18.96 7.74
C SER A 358 11.39 -17.76 7.63
N ILE A 359 12.54 -17.85 8.30
CA ILE A 359 13.52 -16.78 8.31
C ILE A 359 14.11 -16.56 6.92
N GLY A 360 14.55 -17.65 6.30
CA GLY A 360 15.22 -17.60 5.02
C GLY A 360 15.85 -18.95 4.70
N GLY A 361 16.19 -19.15 3.43
CA GLY A 361 16.83 -20.37 2.98
C GLY A 361 15.90 -21.32 2.26
N SER A 362 14.61 -21.01 2.23
CA SER A 362 13.62 -21.86 1.58
C SER A 362 13.99 -22.12 0.13
N ASP A 363 13.96 -23.39 -0.26
CA ASP A 363 14.24 -23.77 -1.63
C ASP A 363 13.28 -23.12 -2.61
N LEU A 364 13.68 -23.07 -3.88
CA LEU A 364 12.87 -22.47 -4.93
C LEU A 364 11.54 -23.19 -5.08
N ASN A 365 10.47 -22.40 -5.23
CA ASN A 365 9.10 -22.91 -5.33
C ASN A 365 8.73 -23.79 -4.15
N ILE A 366 9.06 -23.33 -2.95
CA ILE A 366 8.59 -23.94 -1.72
C ILE A 366 8.05 -22.87 -0.79
N GLY A 367 6.95 -23.19 -0.12
CA GLY A 367 6.40 -22.30 0.87
C GLY A 367 5.52 -23.01 1.87
N SER A 368 4.75 -22.22 2.59
CA SER A 368 3.78 -22.69 3.57
C SER A 368 2.54 -21.81 3.49
N PHE A 369 1.37 -22.41 3.41
CA PHE A 369 0.16 -21.60 3.32
C PHE A 369 -0.26 -21.10 4.70
N LYS A 370 0.18 -21.79 5.75
CA LYS A 370 -0.06 -21.34 7.12
C LYS A 370 0.78 -22.10 8.14
N VAL A 371 1.11 -21.42 9.23
CA VAL A 371 1.70 -22.06 10.41
C VAL A 371 0.71 -22.03 11.58
N ILE A 372 0.68 -23.12 12.33
CA ILE A 372 0.00 -23.15 13.62
C ILE A 372 0.93 -23.81 14.63
N THR A 373 1.31 -23.05 15.65
CA THR A 373 2.32 -23.50 16.62
C THR A 373 1.72 -24.18 17.85
N VAL A 374 2.48 -25.13 18.40
CA VAL A 374 2.13 -25.79 19.65
C VAL A 374 2.84 -25.13 20.83
N ASN A 375 2.07 -24.66 21.80
CA ASN A 375 2.65 -24.19 23.05
C ASN A 375 3.12 -25.38 23.88
N LEU A 376 4.43 -25.57 23.97
CA LEU A 376 5.00 -26.71 24.70
C LEU A 376 5.04 -26.47 26.21
N PRO A 377 5.47 -25.27 26.64
CA PRO A 377 5.37 -24.95 28.07
C PRO A 377 3.97 -25.19 28.64
N ARG A 378 2.93 -24.97 27.84
CA ARG A 378 1.57 -25.24 28.26
C ARG A 378 1.39 -26.72 28.57
N ILE A 379 1.86 -27.57 27.65
CA ILE A 379 1.71 -29.01 27.82
C ILE A 379 2.46 -29.50 29.05
N ALA A 380 3.63 -28.93 29.31
CA ALA A 380 4.40 -29.27 30.50
C ALA A 380 3.60 -28.98 31.76
N LEU A 381 3.00 -27.79 31.81
CA LEU A 381 2.19 -27.37 32.95
C LEU A 381 0.97 -28.28 33.14
N GLU A 382 0.41 -28.75 32.03
CA GLU A 382 -0.73 -29.66 32.06
C GLU A 382 -0.34 -31.06 32.51
N SER A 383 0.83 -31.51 32.07
CA SER A 383 1.29 -32.85 32.37
C SER A 383 1.67 -33.00 33.84
N GLY A 384 2.10 -31.90 34.45
CA GLY A 384 2.49 -31.90 35.84
C GLY A 384 3.73 -32.72 36.12
N GLY A 385 4.40 -33.15 35.06
CA GLY A 385 5.61 -33.95 35.17
C GLY A 385 5.49 -35.29 34.45
N ASP A 386 4.26 -35.74 34.25
CA ASP A 386 4.03 -37.04 33.61
C ASP A 386 4.37 -36.99 32.12
N ARG A 387 5.57 -37.45 31.79
CA ARG A 387 6.05 -37.45 30.42
C ARG A 387 5.14 -38.23 29.46
N GLU A 388 4.46 -39.25 29.97
CA GLU A 388 3.58 -40.06 29.13
C GLU A 388 2.30 -39.30 28.80
N LYS A 389 1.79 -38.55 29.78
CA LYS A 389 0.60 -37.74 29.60
C LYS A 389 0.90 -36.58 28.65
N TYR A 390 2.05 -35.94 28.88
CA TYR A 390 2.59 -34.93 27.99
C TYR A 390 2.51 -35.37 26.53
N LEU A 391 3.01 -36.57 26.26
CA LEU A 391 3.13 -37.06 24.89
C LEU A 391 1.78 -37.49 24.32
N GLN A 392 0.81 -37.71 25.19
CA GLN A 392 -0.55 -38.00 24.75
C GLN A 392 -1.29 -36.68 24.51
N ILE A 393 -1.01 -35.69 25.37
CA ILE A 393 -1.55 -34.36 25.19
C ILE A 393 -1.00 -33.77 23.90
N LEU A 394 0.30 -33.95 23.71
CA LEU A 394 0.99 -33.44 22.54
C LEU A 394 0.45 -34.04 21.25
N ARG A 395 0.46 -35.37 21.17
CA ARG A 395 -0.02 -36.08 19.99
C ARG A 395 -1.43 -35.62 19.62
N HIS A 396 -2.22 -35.33 20.64
CA HIS A 396 -3.59 -34.89 20.43
C HIS A 396 -3.65 -33.50 19.80
N ARG A 397 -2.98 -32.55 20.42
CA ARG A 397 -3.03 -31.16 19.97
C ARG A 397 -2.46 -31.01 18.56
N VAL A 398 -1.47 -31.83 18.23
CA VAL A 398 -0.89 -31.82 16.89
C VAL A 398 -1.94 -32.25 15.87
N GLN A 399 -2.77 -33.22 16.26
CA GLN A 399 -3.82 -33.71 15.38
C GLN A 399 -4.90 -32.66 15.21
N LEU A 400 -5.16 -31.89 16.27
CA LEU A 400 -6.15 -30.83 16.22
C LEU A 400 -5.67 -29.74 15.26
N ILE A 401 -4.37 -29.47 15.33
CA ILE A 401 -3.74 -28.49 14.45
C ILE A 401 -3.84 -28.93 13.00
N LYS A 402 -3.55 -30.20 12.75
CA LYS A 402 -3.63 -30.75 11.40
C LYS A 402 -5.02 -30.55 10.81
N LYS A 403 -6.04 -30.68 11.66
CA LYS A 403 -7.42 -30.48 11.22
C LYS A 403 -7.66 -29.02 10.88
N ALA A 404 -7.07 -28.14 11.66
CA ALA A 404 -7.22 -26.70 11.45
C ALA A 404 -6.51 -26.26 10.17
N LEU A 405 -5.27 -26.72 9.98
CA LEU A 405 -4.53 -26.46 8.76
C LEU A 405 -5.29 -26.94 7.53
N ALA A 406 -5.97 -28.08 7.67
CA ALA A 406 -6.73 -28.65 6.57
C ALA A 406 -7.95 -27.79 6.29
N ALA A 407 -8.47 -27.15 7.33
CA ALA A 407 -9.63 -26.28 7.18
C ALA A 407 -9.21 -24.98 6.50
N VAL A 408 -8.14 -24.37 7.01
CA VAL A 408 -7.60 -23.16 6.41
C VAL A 408 -7.31 -23.39 4.94
N ARG A 409 -6.74 -24.54 4.62
CA ARG A 409 -6.40 -24.86 3.24
C ARG A 409 -7.63 -24.86 2.36
N GLU A 410 -8.75 -25.31 2.92
CA GLU A 410 -10.01 -25.34 2.17
C GLU A 410 -10.48 -23.91 1.91
N ILE A 411 -10.29 -23.04 2.89
CA ILE A 411 -10.67 -21.65 2.76
C ILE A 411 -9.85 -20.99 1.66
N ILE A 412 -8.53 -21.19 1.70
CA ILE A 412 -7.63 -20.68 0.66
C ILE A 412 -8.20 -21.03 -0.71
N LYS A 413 -8.57 -22.29 -0.88
CA LYS A 413 -9.09 -22.79 -2.14
C LYS A 413 -10.40 -22.13 -2.52
N GLU A 414 -11.20 -21.75 -1.51
CA GLU A 414 -12.41 -20.98 -1.77
C GLU A 414 -12.01 -19.62 -2.31
N ARG A 415 -11.14 -18.93 -1.57
CA ARG A 415 -10.68 -17.60 -1.96
C ARG A 415 -10.09 -17.59 -3.38
N ILE A 416 -9.39 -18.66 -3.74
CA ILE A 416 -8.81 -18.76 -5.08
C ILE A 416 -9.92 -18.79 -6.13
N SER A 417 -10.89 -19.66 -5.91
CA SER A 417 -11.99 -19.81 -6.86
C SER A 417 -12.87 -18.57 -6.87
N GLU A 418 -12.85 -17.83 -5.76
CA GLU A 418 -13.63 -16.61 -5.64
C GLU A 418 -12.96 -15.45 -6.37
N GLY A 419 -11.78 -15.71 -6.92
CA GLY A 419 -11.08 -14.74 -7.76
C GLY A 419 -10.25 -13.73 -6.97
N LEU A 420 -10.04 -14.00 -5.69
CA LEU A 420 -9.41 -13.03 -4.80
C LEU A 420 -7.90 -13.22 -4.65
N LEU A 421 -7.36 -14.29 -5.24
CA LEU A 421 -5.94 -14.59 -5.10
C LEU A 421 -5.27 -14.89 -6.46
N PRO A 422 -5.02 -13.84 -7.25
CA PRO A 422 -4.40 -13.98 -8.57
C PRO A 422 -2.98 -14.54 -8.57
N LEU A 423 -2.27 -14.48 -7.44
CA LEU A 423 -0.97 -15.13 -7.33
C LEU A 423 -1.08 -16.60 -7.70
N TYR A 424 -2.18 -17.24 -7.26
CA TYR A 424 -2.40 -18.64 -7.54
C TYR A 424 -2.78 -18.87 -9.00
N GLU A 425 -3.62 -17.99 -9.54
CA GLU A 425 -4.17 -18.18 -10.88
C GLU A 425 -3.16 -17.91 -12.00
N ASN A 426 -2.15 -17.10 -11.71
CA ASN A 426 -1.10 -16.80 -12.67
C ASN A 426 0.11 -17.72 -12.50
N GLY A 427 -0.03 -18.73 -11.65
CA GLY A 427 1.00 -19.73 -11.48
C GLY A 427 2.27 -19.20 -10.84
N LEU A 428 2.13 -18.20 -9.97
CA LEU A 428 3.27 -17.64 -9.25
C LEU A 428 3.41 -18.31 -7.87
N MET A 429 2.30 -18.36 -7.14
CA MET A 429 2.23 -19.11 -5.89
C MET A 429 1.57 -20.46 -6.21
N LEU A 430 2.16 -21.54 -5.70
CA LEU A 430 1.67 -22.89 -5.98
C LEU A 430 1.22 -23.60 -4.71
N LEU A 431 -0.06 -23.96 -4.66
CA LEU A 431 -0.64 -24.51 -3.44
C LEU A 431 -0.06 -25.89 -3.13
N ASN A 432 0.03 -26.73 -4.16
CA ASN A 432 0.63 -28.06 -4.06
C ASN A 432 2.08 -28.03 -3.57
N ARG A 433 2.72 -26.86 -3.64
CA ARG A 433 4.10 -26.70 -3.21
C ARG A 433 4.19 -25.95 -1.88
N GLN A 434 3.06 -25.87 -1.19
CA GLN A 434 3.01 -25.21 0.12
C GLN A 434 2.67 -26.20 1.22
N TYR A 435 3.55 -26.28 2.21
CA TYR A 435 3.30 -27.09 3.38
C TYR A 435 2.20 -26.51 4.25
N GLY A 436 1.53 -27.39 4.99
CA GLY A 436 0.82 -26.98 6.18
C GLY A 436 1.84 -27.16 7.29
N THR A 437 2.16 -26.10 8.01
CA THR A 437 3.27 -26.14 8.95
C THR A 437 2.81 -26.26 10.40
N ILE A 438 3.34 -27.27 11.07
CA ILE A 438 3.16 -27.45 12.51
C ILE A 438 4.33 -26.78 13.21
N GLY A 439 4.05 -25.67 13.90
CA GLY A 439 5.09 -24.93 14.58
C GLY A 439 5.30 -25.43 15.99
N VAL A 440 6.49 -25.18 16.53
CA VAL A 440 6.79 -25.46 17.93
C VAL A 440 7.60 -24.32 18.52
N THR A 441 7.47 -24.11 19.81
CA THR A 441 8.24 -23.09 20.50
C THR A 441 8.30 -23.38 21.99
N GLY A 442 9.27 -22.78 22.66
CA GLY A 442 9.42 -22.94 24.09
C GLY A 442 9.90 -24.32 24.50
N VAL A 443 10.67 -24.95 23.62
CA VAL A 443 11.21 -26.29 23.88
C VAL A 443 11.99 -26.31 25.18
N TRP A 444 12.91 -25.35 25.32
CA TRP A 444 13.73 -25.25 26.51
C TRP A 444 12.88 -25.11 27.78
N GLU A 445 11.98 -24.13 27.77
CA GLU A 445 11.17 -23.82 28.93
C GLU A 445 10.29 -24.99 29.33
N SER A 446 9.81 -25.73 28.33
CA SER A 446 8.99 -26.89 28.57
C SER A 446 9.77 -27.94 29.36
N ALA A 447 10.96 -28.28 28.87
CA ALA A 447 11.81 -29.27 29.50
C ALA A 447 12.23 -28.81 30.89
N SER A 448 12.25 -27.50 31.10
CA SER A 448 12.60 -26.94 32.40
C SER A 448 11.46 -27.15 33.38
N ILE A 449 10.24 -26.91 32.91
CA ILE A 449 9.04 -27.13 33.72
C ILE A 449 8.92 -28.61 34.06
N MET A 450 9.27 -29.47 33.11
CA MET A 450 9.28 -30.91 33.36
C MET A 450 10.45 -31.31 34.26
N GLY A 451 11.32 -30.34 34.54
CA GLY A 451 12.50 -30.59 35.35
C GLY A 451 13.44 -31.53 34.62
N LEU A 452 13.90 -31.11 33.45
CA LEU A 452 14.77 -31.93 32.62
C LEU A 452 16.01 -31.16 32.15
N THR A 453 16.26 -30.03 32.79
CA THR A 453 17.45 -29.22 32.50
C THR A 453 18.29 -29.07 33.74
N THR A 454 19.54 -28.64 33.56
CA THR A 454 20.47 -28.49 34.68
C THR A 454 21.64 -27.59 34.27
N GLU A 455 22.65 -27.53 35.13
CA GLU A 455 23.81 -26.69 34.88
C GLU A 455 25.08 -27.26 35.53
N ASP A 456 26.21 -27.04 34.89
CA ASP A 456 27.50 -27.49 35.40
C ASP A 456 28.60 -26.52 34.97
N ILE A 457 29.82 -27.01 34.86
CA ILE A 457 30.96 -26.17 34.48
C ILE A 457 30.77 -25.56 33.09
N ASP A 458 30.00 -26.23 32.24
CA ASP A 458 29.78 -25.77 30.87
C ASP A 458 28.47 -25.02 30.70
N GLY A 459 27.77 -24.79 31.82
CA GLY A 459 26.55 -24.00 31.82
C GLY A 459 25.28 -24.79 31.65
N LEU A 460 24.18 -24.10 31.36
CA LEU A 460 22.87 -24.73 31.19
C LEU A 460 22.88 -25.82 30.13
N LYS A 461 22.08 -26.86 30.34
CA LYS A 461 21.98 -27.97 29.39
C LYS A 461 20.78 -28.84 29.68
N TYR A 462 20.51 -29.79 28.79
CA TYR A 462 19.50 -30.82 29.01
C TYR A 462 20.10 -32.03 29.72
N THR A 463 19.31 -32.66 30.59
CA THR A 463 19.70 -33.94 31.18
C THR A 463 19.53 -35.02 30.11
N GLU A 464 20.13 -36.18 30.34
CA GLU A 464 20.05 -37.28 29.39
C GLU A 464 18.60 -37.64 29.13
N GLU A 465 17.83 -37.75 30.20
CA GLU A 465 16.39 -37.96 30.09
C GLU A 465 15.76 -36.82 29.31
N GLY A 466 16.32 -35.63 29.48
CA GLY A 466 15.84 -34.45 28.79
C GLY A 466 16.02 -34.53 27.29
N GLU A 467 17.17 -35.02 26.85
CA GLU A 467 17.46 -35.13 25.42
C GLU A 467 16.57 -36.19 24.79
N VAL A 468 16.34 -37.28 25.51
CA VAL A 468 15.43 -38.33 25.06
C VAL A 468 14.01 -37.78 24.98
N PHE A 469 13.66 -36.96 25.96
CA PHE A 469 12.33 -36.35 25.99
C PHE A 469 12.14 -35.49 24.74
N VAL A 470 13.16 -34.70 24.39
CA VAL A 470 13.12 -33.88 23.18
C VAL A 470 13.02 -34.76 21.94
N ASP A 471 13.80 -35.83 21.91
CA ASP A 471 13.75 -36.79 20.81
C ASP A 471 12.33 -37.30 20.64
N ASN A 472 11.69 -37.62 21.77
CA ASN A 472 10.34 -38.15 21.76
C ASN A 472 9.32 -37.12 21.27
N VAL A 473 9.41 -35.90 21.79
CA VAL A 473 8.54 -34.83 21.35
C VAL A 473 8.64 -34.67 19.84
N LEU A 474 9.86 -34.50 19.33
CA LEU A 474 10.05 -34.26 17.90
C LEU A 474 9.67 -35.49 17.08
N ASP A 475 9.96 -36.67 17.60
CA ASP A 475 9.56 -37.91 16.94
C ASP A 475 8.04 -38.02 16.86
N THR A 476 7.37 -37.66 17.95
CA THR A 476 5.91 -37.69 17.98
C THR A 476 5.34 -36.81 16.89
N ILE A 477 5.80 -35.56 16.82
CA ILE A 477 5.30 -34.62 15.84
C ILE A 477 5.61 -35.09 14.41
N ARG A 478 6.80 -35.65 14.21
CA ARG A 478 7.18 -36.20 12.92
C ARG A 478 6.20 -37.28 12.46
N GLU A 479 5.82 -38.17 13.38
CA GLU A 479 4.87 -39.23 13.07
C GLU A 479 3.56 -38.66 12.53
N GLU A 480 3.04 -37.65 13.22
CA GLU A 480 1.75 -37.07 12.85
C GLU A 480 1.84 -36.29 11.54
N ALA A 481 2.99 -35.67 11.30
CA ALA A 481 3.23 -34.94 10.06
C ALA A 481 3.16 -35.88 8.85
N GLU A 482 3.84 -37.01 8.95
CA GLU A 482 3.87 -38.01 7.87
C GLU A 482 2.50 -38.63 7.67
N LYS A 483 1.80 -38.89 8.77
CA LYS A 483 0.45 -39.43 8.71
C LYS A 483 -0.49 -38.42 8.04
N GLY A 484 -0.17 -37.14 8.21
CA GLY A 484 -0.99 -36.06 7.67
C GLY A 484 -1.17 -36.17 6.17
N TYR A 485 -0.10 -36.51 5.47
CA TYR A 485 -0.13 -36.62 4.01
C TYR A 485 -1.20 -37.59 3.54
N HIS A 486 -1.31 -38.72 4.22
CA HIS A 486 -2.29 -39.74 3.87
C HIS A 486 -3.64 -39.38 4.46
N GLU A 487 -3.62 -38.64 5.57
CA GLU A 487 -4.84 -38.25 6.26
C GLU A 487 -5.59 -37.14 5.51
N TYR A 488 -4.87 -36.11 5.07
CA TYR A 488 -5.52 -34.88 4.61
C TYR A 488 -5.19 -34.47 3.17
N GLY A 489 -4.29 -35.21 2.52
CA GLY A 489 -4.05 -35.04 1.09
C GLY A 489 -2.97 -34.05 0.69
N PHE A 490 -2.31 -33.44 1.67
CA PHE A 490 -1.20 -32.53 1.40
C PHE A 490 -0.11 -32.71 2.44
N THR A 491 1.10 -32.26 2.13
CA THR A 491 2.25 -32.52 2.99
C THR A 491 2.35 -31.52 4.12
N PHE A 492 2.68 -32.02 5.31
CA PHE A 492 2.90 -31.19 6.49
C PHE A 492 4.39 -31.07 6.75
N ASN A 493 4.80 -30.01 7.45
CA ASN A 493 6.19 -29.91 7.90
C ASN A 493 6.24 -29.32 9.30
N ILE A 494 7.44 -29.24 9.85
CA ILE A 494 7.63 -28.80 11.23
C ILE A 494 8.72 -27.76 11.28
N GLU A 495 8.54 -26.76 12.13
CA GLU A 495 9.49 -25.67 12.24
C GLU A 495 9.51 -25.10 13.66
N GLN A 496 10.71 -24.87 14.17
CA GLN A 496 10.89 -24.10 15.39
C GLN A 496 10.85 -22.62 15.00
N VAL A 497 9.68 -22.02 15.13
CA VAL A 497 9.43 -20.69 14.57
C VAL A 497 10.15 -19.59 15.34
N PRO A 498 10.42 -18.45 14.67
CA PRO A 498 11.03 -17.29 15.33
C PRO A 498 10.20 -16.78 16.50
N ALA A 499 8.88 -16.88 16.38
CA ALA A 499 7.97 -16.51 17.47
C ALA A 499 8.28 -15.13 18.01
N GLU A 500 8.32 -14.15 17.13
CA GLU A 500 8.68 -12.80 17.51
C GLU A 500 7.66 -12.23 18.49
N LYS A 501 6.40 -12.63 18.32
CA LYS A 501 5.32 -12.18 19.19
C LYS A 501 4.77 -13.32 20.06
N ALA A 502 4.59 -14.49 19.44
CA ALA A 502 4.01 -15.65 20.12
C ALA A 502 4.83 -16.04 21.35
N ALA A 503 6.14 -15.82 21.30
CA ALA A 503 7.01 -16.15 22.42
C ALA A 503 6.65 -15.35 23.67
N VAL A 504 5.95 -14.23 23.46
CA VAL A 504 5.54 -13.36 24.56
C VAL A 504 4.11 -13.65 24.98
N THR A 505 3.19 -13.58 24.03
CA THR A 505 1.77 -13.66 24.36
C THR A 505 1.40 -15.05 24.88
N LEU A 506 2.24 -16.04 24.61
CA LEU A 506 2.02 -17.38 25.16
C LEU A 506 2.50 -17.47 26.61
N ALA A 507 3.69 -16.94 26.88
CA ALA A 507 4.21 -16.90 28.25
C ALA A 507 3.27 -16.06 29.12
N GLN A 508 2.61 -15.08 28.52
CA GLN A 508 1.65 -14.25 29.23
C GLN A 508 0.40 -15.03 29.60
N LYS A 509 -0.16 -15.72 28.61
CA LYS A 509 -1.37 -16.50 28.82
C LYS A 509 -1.12 -17.63 29.81
N ASP A 510 0.06 -18.24 29.75
CA ASP A 510 0.42 -19.29 30.68
C ASP A 510 0.66 -18.71 32.07
N ARG A 511 1.30 -17.54 32.13
CA ARG A 511 1.54 -16.86 33.40
C ARG A 511 0.20 -16.52 34.03
N PHE A 512 -0.73 -16.08 33.19
CA PHE A 512 -2.06 -15.70 33.62
C PHE A 512 -2.85 -16.88 34.15
N LEU A 513 -2.50 -18.09 33.68
CA LEU A 513 -3.27 -19.29 33.99
C LEU A 513 -2.54 -20.25 34.92
N PHE A 514 -1.33 -19.92 35.33
CA PHE A 514 -0.56 -20.79 36.22
C PHE A 514 0.34 -20.02 37.20
N GLY A 515 0.42 -18.71 37.04
CA GLY A 515 1.11 -17.86 37.99
C GLY A 515 2.59 -18.17 38.15
N GLU A 516 2.99 -18.39 39.40
CA GLU A 516 4.40 -18.58 39.74
C GLU A 516 4.99 -19.85 39.14
N LYS A 517 4.14 -20.76 38.70
CA LYS A 517 4.59 -22.01 38.10
C LYS A 517 5.24 -21.79 36.74
N GLN A 518 4.92 -20.66 36.12
CA GLN A 518 5.51 -20.27 34.84
C GLN A 518 6.42 -19.05 35.07
N PRO A 519 7.71 -19.30 35.34
CA PRO A 519 8.61 -18.21 35.76
C PRO A 519 9.20 -17.39 34.61
N PHE A 520 9.05 -17.87 33.38
CA PHE A 520 9.71 -17.25 32.23
C PHE A 520 8.90 -16.10 31.65
N GLU A 521 9.58 -15.01 31.32
CA GLU A 521 8.95 -13.83 30.73
C GLU A 521 8.63 -14.07 29.26
N ILE A 522 9.49 -14.81 28.58
CA ILE A 522 9.25 -15.19 27.19
C ILE A 522 9.79 -16.59 26.94
N TYR A 523 9.36 -17.20 25.84
CA TYR A 523 9.81 -18.54 25.46
C TYR A 523 10.89 -18.45 24.39
N SER A 524 11.66 -19.52 24.24
CA SER A 524 12.82 -19.53 23.36
C SER A 524 12.51 -20.06 21.96
N ASN A 525 13.25 -19.58 20.97
CA ASN A 525 13.07 -19.99 19.58
C ASN A 525 14.28 -20.76 19.07
N GLN A 526 15.04 -21.33 19.99
CA GLN A 526 16.14 -22.22 19.67
C GLN A 526 16.11 -23.36 20.66
N TRP A 527 16.92 -24.40 20.42
CA TRP A 527 16.95 -25.54 21.33
C TRP A 527 17.46 -25.10 22.70
N VAL A 528 18.40 -24.17 22.68
CA VAL A 528 18.91 -23.55 23.91
C VAL A 528 18.73 -22.04 23.81
N PRO A 529 18.31 -21.37 24.89
CA PRO A 529 18.04 -19.93 24.79
C PRO A 529 19.24 -19.11 24.32
N LEU A 530 18.98 -18.05 23.57
CA LEU A 530 20.03 -17.20 23.02
C LEU A 530 20.88 -16.59 24.13
N MET A 531 20.23 -16.07 25.15
CA MET A 531 20.90 -15.38 26.25
C MET A 531 21.26 -16.34 27.38
N ALA A 532 21.40 -17.63 27.06
CA ALA A 532 21.74 -18.64 28.06
C ALA A 532 23.25 -18.77 28.21
N ASN A 533 23.72 -18.80 29.46
CA ASN A 533 25.12 -19.06 29.73
C ASN A 533 25.42 -20.53 29.49
N THR A 534 25.92 -20.83 28.29
CA THR A 534 26.21 -22.21 27.92
C THR A 534 27.33 -22.26 26.88
N ASP A 535 28.17 -23.29 26.99
CA ASP A 535 29.21 -23.52 26.01
C ASP A 535 28.59 -23.70 24.63
N VAL A 536 29.19 -23.07 23.63
CA VAL A 536 28.65 -23.12 22.27
C VAL A 536 28.62 -24.55 21.76
N LEU A 537 29.58 -25.36 22.21
CA LEU A 537 29.70 -26.74 21.75
C LEU A 537 28.42 -27.55 22.01
N ASN A 538 27.70 -27.19 23.07
CA ASN A 538 26.43 -27.84 23.37
C ASN A 538 25.34 -27.34 22.43
N ARG A 539 25.36 -26.04 22.12
CA ARG A 539 24.40 -25.46 21.18
C ARG A 539 24.49 -26.14 19.82
N ILE A 540 25.72 -26.39 19.39
CA ILE A 540 25.96 -26.99 18.09
C ILE A 540 25.51 -28.44 18.09
N ARG A 541 25.75 -29.13 19.21
CA ARG A 541 25.39 -30.54 19.32
C ARG A 541 23.88 -30.72 19.24
N TYR A 542 23.14 -29.92 20.00
CA TYR A 542 21.69 -30.00 20.00
C TYR A 542 21.13 -29.74 18.61
N SER A 543 21.67 -28.72 17.95
CA SER A 543 21.27 -28.41 16.59
C SER A 543 21.59 -29.57 15.66
N GLY A 544 22.78 -30.15 15.84
CA GLY A 544 23.18 -31.32 15.08
C GLY A 544 22.23 -32.49 15.28
N LYS A 545 21.74 -32.65 16.51
CA LYS A 545 20.82 -33.74 16.84
C LYS A 545 19.43 -33.51 16.25
N TRP A 546 18.94 -32.29 16.38
CA TRP A 546 17.51 -32.02 16.22
C TRP A 546 17.11 -31.21 15.00
N ASP A 547 18.05 -30.48 14.39
CA ASP A 547 17.74 -29.73 13.16
C ASP A 547 17.16 -30.65 12.10
N LYS A 548 17.76 -31.83 11.97
CA LYS A 548 17.34 -32.79 10.95
C LYS A 548 15.93 -33.30 11.20
N LYS A 549 15.53 -33.39 12.46
CA LYS A 549 14.20 -33.86 12.82
C LYS A 549 13.12 -32.90 12.29
N VAL A 550 13.45 -31.60 12.26
CA VAL A 550 12.54 -30.58 11.73
C VAL A 550 12.91 -30.21 10.30
N SER A 551 13.75 -31.04 9.67
CA SER A 551 14.16 -30.83 8.29
C SER A 551 14.75 -29.45 8.08
N GLY A 552 15.63 -29.04 8.99
CA GLY A 552 16.29 -27.75 8.89
C GLY A 552 15.35 -26.60 9.21
N GLY A 553 14.15 -26.92 9.68
CA GLY A 553 13.17 -25.92 10.03
C GLY A 553 13.51 -25.19 11.32
N ALA A 554 14.71 -24.63 11.40
CA ALA A 554 15.14 -23.94 12.61
C ALA A 554 16.35 -23.07 12.29
N ILE A 555 16.93 -22.46 13.32
CA ILE A 555 18.14 -21.68 13.14
C ILE A 555 18.95 -21.64 14.44
N LEU A 556 20.26 -21.64 14.29
CA LEU A 556 21.19 -21.44 15.38
C LEU A 556 21.99 -20.19 15.12
N HIS A 557 21.93 -19.22 16.02
CA HIS A 557 22.84 -18.07 15.90
C HIS A 557 23.42 -17.68 17.25
N ILE A 558 24.73 -17.44 17.24
CA ILE A 558 25.51 -17.15 18.44
C ILE A 558 26.03 -15.71 18.42
N ASN A 559 25.89 -15.03 19.56
CA ASN A 559 26.47 -13.70 19.72
C ASN A 559 27.98 -13.79 19.87
N LEU A 560 28.71 -13.01 19.09
CA LEU A 560 30.17 -13.04 19.11
C LEU A 560 30.74 -12.11 20.18
N LYS A 565 39.14 -14.80 16.04
CA LYS A 565 38.88 -13.57 15.28
C LYS A 565 39.83 -13.47 14.08
N THR A 566 39.80 -14.50 13.23
CA THR A 566 40.57 -14.53 12.00
C THR A 566 39.70 -15.10 10.89
N GLU A 567 40.04 -14.81 9.64
CA GLU A 567 39.27 -15.36 8.54
C GLU A 567 39.39 -16.87 8.48
N GLU A 568 40.62 -17.36 8.51
CA GLU A 568 40.86 -18.80 8.48
C GLU A 568 40.28 -19.45 9.73
N GLU A 569 40.36 -18.74 10.85
CA GLU A 569 39.77 -19.21 12.09
C GLU A 569 38.26 -19.30 11.95
N SER A 570 37.67 -18.25 11.36
CA SER A 570 36.23 -18.19 11.13
C SER A 570 35.78 -19.34 10.24
N PHE A 571 36.51 -19.55 9.15
CA PHE A 571 36.11 -20.56 8.18
C PHE A 571 36.14 -21.97 8.79
N ASN A 572 37.13 -22.22 9.64
CA ASN A 572 37.19 -23.49 10.37
C ASN A 572 35.92 -23.72 11.19
N MET A 573 35.57 -22.72 12.00
CA MET A 573 34.37 -22.76 12.83
C MET A 573 33.14 -23.13 12.00
N VAL A 574 33.03 -22.57 10.80
CA VAL A 574 31.92 -22.85 9.91
C VAL A 574 31.89 -24.33 9.55
N LYS A 575 33.04 -24.87 9.19
CA LYS A 575 33.14 -26.27 8.78
C LYS A 575 32.80 -27.21 9.92
N MET A 576 33.24 -26.86 11.13
CA MET A 576 33.00 -27.68 12.30
C MET A 576 31.50 -27.79 12.59
N ILE A 577 30.85 -26.64 12.56
CA ILE A 577 29.41 -26.56 12.78
C ILE A 577 28.68 -27.38 11.72
N ALA A 578 29.18 -27.32 10.49
CA ALA A 578 28.58 -28.08 9.40
C ALA A 578 28.78 -29.57 9.57
N ASP A 579 29.94 -29.96 10.12
CA ASP A 579 30.22 -31.36 10.39
C ASP A 579 29.25 -31.92 11.41
N MET A 580 28.99 -31.13 12.45
CA MET A 580 28.09 -31.53 13.53
C MET A 580 26.64 -31.73 13.07
N GLY A 581 26.30 -31.22 11.89
CA GLY A 581 25.00 -31.45 11.30
C GLY A 581 24.03 -30.29 11.40
N VAL A 582 24.51 -29.15 11.85
CA VAL A 582 23.71 -27.93 11.87
C VAL A 582 23.35 -27.53 10.44
N MET A 583 22.07 -27.24 10.20
CA MET A 583 21.57 -27.04 8.84
C MET A 583 21.30 -25.57 8.47
N TYR A 584 21.15 -24.71 9.47
CA TYR A 584 20.96 -23.29 9.22
C TYR A 584 21.47 -22.48 10.40
N PHE A 585 22.45 -21.62 10.15
CA PHE A 585 23.07 -20.88 11.25
C PHE A 585 23.74 -19.57 10.79
N ALA A 586 24.12 -18.77 11.79
CA ALA A 586 24.73 -17.47 11.54
C ALA A 586 25.44 -16.98 12.79
N PHE A 587 26.23 -15.92 12.64
CA PHE A 587 26.91 -15.30 13.77
C PHE A 587 26.44 -13.87 13.92
N ASN A 588 26.32 -13.39 15.16
CA ASN A 588 25.68 -12.12 15.44
C ASN A 588 26.63 -11.05 15.95
N THR A 589 26.53 -9.87 15.34
CA THR A 589 27.28 -8.69 15.78
C THR A 589 26.31 -7.62 16.22
N LYS A 590 26.80 -6.66 17.00
CA LYS A 590 25.99 -5.52 17.44
C LYS A 590 26.33 -4.28 16.60
N ILE A 591 25.52 -4.04 15.57
CA ILE A 591 25.76 -2.96 14.63
C ILE A 591 25.12 -1.65 15.10
N SER A 592 25.94 -0.67 15.44
CA SER A 592 25.46 0.64 15.87
C SER A 592 24.93 1.46 14.70
N VAL A 593 24.04 2.39 15.00
CA VAL A 593 23.55 3.34 14.01
C VAL A 593 23.27 4.70 14.65
N CYS A 594 23.32 5.75 13.83
CA CYS A 594 22.95 7.09 14.24
C CYS A 594 21.59 7.43 13.65
N GLU A 595 21.14 8.67 13.85
CA GLU A 595 19.82 9.06 13.37
C GLU A 595 19.79 9.26 11.86
N ASP A 596 20.95 9.17 11.22
CA ASP A 596 21.05 9.33 9.77
C ASP A 596 21.19 7.98 9.05
N GLY A 597 21.36 6.91 9.81
CA GLY A 597 21.35 5.56 9.25
C GLY A 597 22.72 4.99 8.92
N HIS A 598 23.77 5.66 9.37
CA HIS A 598 25.12 5.15 9.17
C HIS A 598 25.34 3.89 9.99
N ALA A 599 25.88 2.84 9.37
CA ALA A 599 26.27 1.63 10.09
C ALA A 599 27.72 1.75 10.58
N PHE A 600 27.96 1.28 11.79
CA PHE A 600 29.30 1.27 12.37
C PHE A 600 29.31 0.47 13.67
N TYR A 601 30.49 0.34 14.28
CA TYR A 601 30.61 -0.27 15.59
C TYR A 601 31.15 0.76 16.57
N GLY A 602 30.57 0.78 17.77
CA GLY A 602 31.01 1.69 18.81
C GLY A 602 29.88 2.54 19.34
N GLU A 603 30.23 3.70 19.88
CA GLU A 603 29.26 4.64 20.43
C GLU A 603 29.19 5.89 19.56
N ARG A 604 30.18 6.07 18.71
CA ARG A 604 30.28 7.25 17.83
C ARG A 604 30.31 6.84 16.36
N CYS A 605 29.65 7.63 15.52
CA CYS A 605 29.62 7.38 14.09
C CYS A 605 30.92 7.86 13.45
N PRO A 606 31.57 7.01 12.63
CA PRO A 606 32.81 7.43 11.98
C PRO A 606 32.57 8.18 10.68
N VAL A 607 31.30 8.46 10.38
CA VAL A 607 30.93 9.14 9.14
C VAL A 607 30.62 10.61 9.41
N CYS A 608 29.72 10.85 10.37
CA CYS A 608 29.26 12.20 10.67
C CYS A 608 29.59 12.63 12.10
N GLY A 609 29.97 11.66 12.94
CA GLY A 609 30.33 11.95 14.31
C GLY A 609 29.15 11.89 15.27
N LYS A 610 27.94 11.74 14.73
CA LYS A 610 26.75 11.62 15.57
C LYS A 610 26.81 10.34 16.39
N ALA A 611 26.47 10.43 17.67
CA ALA A 611 26.57 9.29 18.57
C ALA A 611 25.62 8.18 18.18
N LYS A 612 25.90 6.98 18.70
CA LYS A 612 25.01 5.84 18.53
C LYS A 612 23.67 6.16 19.19
N VAL A 613 22.59 5.65 18.61
CA VAL A 613 21.25 5.88 19.14
C VAL A 613 20.43 4.58 19.17
N ASP A 614 20.77 3.67 18.26
CA ASP A 614 20.08 2.38 18.19
C ASP A 614 21.07 1.29 17.79
N GLU A 615 20.62 0.04 17.80
CA GLU A 615 21.45 -1.10 17.46
C GLU A 615 20.74 -2.02 16.48
N TYR A 616 21.51 -2.61 15.57
CA TYR A 616 21.02 -3.69 14.73
C TYR A 616 21.57 -5.02 15.23
N MET A 617 20.74 -6.05 15.22
CA MET A 617 21.14 -7.36 15.71
C MET A 617 20.22 -8.45 15.16
N ARG A 618 20.79 -9.62 14.92
CA ARG A 618 20.01 -10.80 14.53
C ARG A 618 19.41 -11.44 15.77
N ILE A 619 18.18 -11.09 16.09
CA ILE A 619 17.51 -11.54 17.31
C ILE A 619 16.64 -12.77 17.06
N VAL A 620 15.90 -12.74 15.96
CA VAL A 620 14.97 -13.82 15.61
C VAL A 620 15.23 -14.35 14.21
N GLY A 621 16.47 -14.22 13.75
CA GLY A 621 16.88 -14.79 12.47
C GLY A 621 17.36 -13.81 11.43
N TYR A 622 16.91 -12.56 11.53
CA TYR A 622 17.29 -11.52 10.59
C TYR A 622 17.62 -10.22 11.31
N LEU A 623 18.42 -9.38 10.66
CA LEU A 623 18.95 -8.17 11.27
C LEU A 623 17.90 -7.09 11.42
N VAL A 624 17.65 -6.66 12.66
CA VAL A 624 16.60 -5.68 12.94
C VAL A 624 17.03 -4.66 14.01
N PRO A 625 16.40 -3.47 14.00
CA PRO A 625 16.66 -2.48 15.06
C PRO A 625 16.14 -2.97 16.40
N VAL A 626 16.96 -2.92 17.45
CA VAL A 626 16.54 -3.41 18.76
C VAL A 626 15.43 -2.54 19.35
N SER A 627 15.45 -1.25 19.03
CA SER A 627 14.48 -0.30 19.58
C SER A 627 13.07 -0.65 19.14
N ALA A 628 12.91 -0.97 17.86
CA ALA A 628 11.61 -1.39 17.33
C ALA A 628 11.21 -2.75 17.92
N PHE A 629 12.20 -3.61 18.12
CA PHE A 629 11.98 -4.95 18.64
C PHE A 629 11.49 -4.91 20.09
N ASN A 630 12.20 -4.18 20.93
CA ASN A 630 11.85 -4.06 22.34
C ASN A 630 10.53 -3.32 22.55
N LYS A 631 10.26 -2.34 21.70
CA LYS A 631 9.03 -1.56 21.82
C LYS A 631 7.83 -2.37 21.37
N GLU A 632 8.03 -3.28 20.42
CA GLU A 632 6.98 -4.19 20.01
C GLU A 632 6.65 -5.14 21.15
N ARG A 633 7.68 -5.79 21.68
CA ARG A 633 7.53 -6.68 22.83
C ARG A 633 6.94 -5.92 24.02
N MET B 1 -22.90 -11.59 17.88
CA MET B 1 -22.12 -10.96 18.99
C MET B 1 -22.28 -9.44 18.95
N LYS B 2 -22.08 -8.81 20.10
CA LYS B 2 -22.22 -7.37 20.25
C LYS B 2 -20.89 -6.70 20.56
N VAL B 3 -20.67 -5.52 19.98
CA VAL B 3 -19.42 -4.78 20.15
C VAL B 3 -19.71 -3.32 20.52
N GLN B 4 -19.03 -2.85 21.55
CA GLN B 4 -19.28 -1.52 22.12
C GLN B 4 -18.30 -0.48 21.62
N TYR B 5 -18.81 0.72 21.32
CA TYR B 5 -17.98 1.88 21.00
C TYR B 5 -18.24 2.99 22.01
N SER B 6 -17.17 3.59 22.51
CA SER B 6 -17.25 4.51 23.65
C SER B 6 -17.61 5.94 23.25
N PHE B 7 -18.85 6.15 22.82
CA PHE B 7 -19.33 7.48 22.51
C PHE B 7 -19.89 8.16 23.76
N GLU B 8 -19.72 9.47 23.86
CA GLU B 8 -20.45 10.23 24.87
C GLU B 8 -21.93 9.94 24.67
N ARG B 9 -22.66 9.78 25.76
CA ARG B 9 -24.08 9.46 25.68
C ARG B 9 -24.83 10.54 24.91
N GLU B 10 -24.31 11.77 24.94
CA GLU B 10 -24.91 12.86 24.18
C GLU B 10 -24.92 12.53 22.70
N PHE B 11 -23.80 11.99 22.21
CA PHE B 11 -23.72 11.54 20.83
C PHE B 11 -24.61 10.32 20.59
N GLU B 12 -24.60 9.40 21.54
CA GLU B 12 -25.43 8.20 21.44
C GLU B 12 -26.90 8.57 21.42
N GLU B 13 -27.27 9.57 22.21
CA GLU B 13 -28.65 10.05 22.24
C GLU B 13 -28.99 10.68 20.90
N LEU B 14 -28.05 11.44 20.35
CA LEU B 14 -28.25 12.06 19.04
C LEU B 14 -28.48 11.00 17.98
N MET B 15 -27.63 9.98 17.93
CA MET B 15 -27.77 8.92 16.95
C MET B 15 -29.09 8.19 17.15
N SER B 16 -29.49 8.02 18.41
CA SER B 16 -30.76 7.39 18.74
C SER B 16 -31.92 8.21 18.18
N ASP B 17 -31.87 9.52 18.40
CA ASP B 17 -32.89 10.43 17.91
C ASP B 17 -33.04 10.33 16.41
N LEU B 18 -31.93 10.46 15.71
CA LEU B 18 -31.91 10.49 14.24
C LEU B 18 -32.45 9.18 13.64
N LEU B 19 -32.08 8.06 14.24
CA LEU B 19 -32.56 6.76 13.77
C LEU B 19 -34.08 6.66 13.84
N SER B 20 -34.66 7.19 14.91
CA SER B 20 -36.11 7.15 15.10
C SER B 20 -36.81 8.13 14.16
N LYS B 21 -36.12 9.21 13.81
CA LYS B 21 -36.70 10.25 12.99
C LYS B 21 -36.60 9.94 11.50
N TYR B 22 -35.59 9.16 11.11
CA TYR B 22 -35.32 8.88 9.70
C TYR B 22 -35.41 7.39 9.36
N GLY B 23 -35.18 6.53 10.34
CA GLY B 23 -35.27 5.09 10.14
C GLY B 23 -33.95 4.45 9.75
N TYR B 24 -33.89 3.13 9.83
CA TYR B 24 -32.68 2.39 9.55
C TYR B 24 -32.27 2.54 8.09
N GLU B 25 -33.25 2.77 7.22
CA GLU B 25 -33.00 2.89 5.79
C GLU B 25 -32.11 4.09 5.47
N MET B 26 -32.26 5.16 6.25
CA MET B 26 -31.45 6.37 6.04
C MET B 26 -30.00 6.05 6.35
N PHE B 27 -29.77 5.30 7.42
CA PHE B 27 -28.42 4.93 7.82
C PHE B 27 -27.80 3.95 6.84
N GLN B 28 -28.63 3.07 6.29
CA GLN B 28 -28.18 2.13 5.27
C GLN B 28 -27.66 2.89 4.05
N MET B 29 -28.38 3.94 3.66
CA MET B 29 -27.98 4.79 2.53
C MET B 29 -26.69 5.56 2.82
N ASP B 30 -26.46 5.90 4.09
CA ASP B 30 -25.29 6.68 4.47
C ASP B 30 -24.05 5.79 4.65
N GLY B 31 -24.26 4.48 4.62
CA GLY B 31 -23.18 3.53 4.81
C GLY B 31 -22.95 3.22 6.29
N LEU B 32 -24.00 3.36 7.09
CA LEU B 32 -23.93 3.09 8.53
C LEU B 32 -25.02 2.10 8.94
N GLY B 33 -25.38 1.22 8.01
CA GLY B 33 -26.32 0.15 8.28
C GLY B 33 -25.63 -1.20 8.35
N ASP B 34 -25.93 -2.06 7.38
CA ASP B 34 -25.32 -3.39 7.31
C ASP B 34 -23.80 -3.35 7.13
N GLN B 35 -23.31 -2.20 6.68
CA GLN B 35 -21.89 -2.08 6.33
C GLN B 35 -21.00 -2.24 7.57
N LEU B 36 -21.56 -1.95 8.74
CA LEU B 36 -20.81 -2.02 9.98
C LEU B 36 -20.73 -3.45 10.53
N ASP B 37 -21.45 -4.37 9.87
CA ASP B 37 -21.43 -5.77 10.27
C ASP B 37 -20.37 -6.52 9.49
N VAL B 38 -19.30 -6.89 10.18
CA VAL B 38 -18.13 -7.52 9.56
C VAL B 38 -18.47 -8.85 8.87
N VAL B 39 -19.28 -9.68 9.50
CA VAL B 39 -19.65 -10.95 8.88
C VAL B 39 -20.44 -10.67 7.61
N LYS B 40 -21.38 -9.73 7.69
CA LYS B 40 -22.17 -9.34 6.52
C LYS B 40 -21.29 -8.73 5.45
N PHE B 41 -20.43 -7.80 5.86
CA PHE B 41 -19.54 -7.12 4.92
C PHE B 41 -18.65 -8.11 4.19
N THR B 42 -18.03 -9.01 4.95
CA THR B 42 -17.06 -9.94 4.40
C THR B 42 -17.73 -10.87 3.40
N GLU B 43 -18.72 -11.62 3.85
CA GLU B 43 -19.39 -12.57 2.97
C GLU B 43 -19.96 -11.85 1.75
N ASP B 44 -20.31 -10.58 1.91
CA ASP B 44 -20.78 -9.76 0.81
C ASP B 44 -19.64 -9.49 -0.18
N PHE B 45 -18.51 -9.03 0.36
CA PHE B 45 -17.31 -8.80 -0.44
C PHE B 45 -16.81 -10.08 -1.10
N VAL B 46 -16.87 -11.18 -0.34
CA VAL B 46 -16.32 -12.48 -0.74
C VAL B 46 -16.89 -12.96 -2.08
N ARG B 47 -18.09 -12.51 -2.41
CA ARG B 47 -18.75 -12.89 -3.66
C ARG B 47 -19.08 -11.66 -4.48
N ARG B 48 -18.06 -10.80 -4.65
CA ARG B 48 -18.18 -9.59 -5.45
C ARG B 48 -17.38 -9.74 -6.75
N GLY B 49 -17.46 -10.94 -7.34
CA GLY B 49 -16.75 -11.22 -8.58
C GLY B 49 -17.26 -12.48 -9.25
N THR B 64 -11.36 -7.31 -8.45
CA THR B 64 -10.34 -6.81 -7.54
C THR B 64 -10.06 -7.87 -6.46
N ASN B 65 -8.83 -7.90 -5.95
CA ASN B 65 -8.37 -9.02 -5.13
C ASN B 65 -8.43 -8.78 -3.62
N ILE B 66 -7.89 -9.73 -2.86
CA ILE B 66 -8.02 -9.76 -1.41
C ILE B 66 -7.37 -8.58 -0.69
N SER B 67 -6.40 -7.93 -1.33
CA SER B 67 -5.73 -6.79 -0.70
C SER B 67 -6.71 -5.63 -0.51
N THR B 68 -7.79 -5.64 -1.28
CA THR B 68 -8.79 -4.59 -1.22
C THR B 68 -9.62 -4.73 0.06
N TYR B 69 -9.90 -5.97 0.43
CA TYR B 69 -10.75 -6.29 1.58
C TYR B 69 -10.34 -5.52 2.83
N PHE B 70 -9.05 -5.52 3.13
CA PHE B 70 -8.55 -4.97 4.39
C PHE B 70 -8.67 -3.45 4.46
N ILE B 71 -8.84 -2.81 3.29
CA ILE B 71 -9.01 -1.36 3.23
C ILE B 71 -10.48 -0.98 3.29
N GLU B 72 -11.33 -1.76 2.61
CA GLU B 72 -12.75 -1.48 2.54
C GLU B 72 -13.47 -1.80 3.86
N ILE B 73 -12.94 -2.77 4.60
CA ILE B 73 -13.61 -3.30 5.78
C ILE B 73 -13.81 -2.23 6.86
N SER B 74 -12.84 -1.34 7.03
CA SER B 74 -12.87 -0.39 8.14
C SER B 74 -13.57 0.93 7.82
N LYS B 75 -13.91 1.14 6.55
CA LYS B 75 -14.40 2.44 6.10
C LYS B 75 -15.67 2.92 6.80
N PRO B 76 -16.65 2.01 7.01
CA PRO B 76 -17.83 2.40 7.77
C PRO B 76 -17.49 2.77 9.22
N HIS B 77 -16.54 2.04 9.80
CA HIS B 77 -16.13 2.25 11.18
C HIS B 77 -15.34 3.55 11.32
N THR B 78 -14.40 3.77 10.41
CA THR B 78 -13.57 4.99 10.44
C THR B 78 -14.39 6.23 10.11
N TYR B 79 -15.46 6.05 9.32
CA TYR B 79 -16.41 7.12 9.06
C TYR B 79 -17.13 7.46 10.35
N LEU B 80 -17.62 6.42 11.01
CA LEU B 80 -18.36 6.58 12.26
C LEU B 80 -17.50 7.32 13.28
N TYR B 81 -16.23 6.95 13.41
CA TYR B 81 -15.34 7.66 14.31
C TYR B 81 -15.20 9.12 13.90
N SER B 82 -14.90 9.34 12.62
CA SER B 82 -14.67 10.69 12.10
C SER B 82 -15.90 11.55 12.29
N LEU B 83 -17.06 10.96 12.04
CA LEU B 83 -18.32 11.64 12.29
C LEU B 83 -18.41 12.03 13.76
N TYR B 84 -18.04 11.10 14.63
CA TYR B 84 -18.10 11.31 16.07
C TYR B 84 -17.09 12.36 16.53
N ARG B 85 -15.92 12.36 15.91
CA ARG B 85 -14.85 13.27 16.31
C ARG B 85 -15.15 14.70 15.86
N ILE B 86 -15.74 14.84 14.68
CA ILE B 86 -16.09 16.16 14.18
C ILE B 86 -17.22 16.72 15.03
N TRP B 87 -18.17 15.85 15.40
CA TRP B 87 -19.27 16.23 16.28
C TRP B 87 -18.74 16.78 17.59
N GLN B 88 -17.75 16.09 18.16
CA GLN B 88 -17.12 16.52 19.40
C GLN B 88 -16.49 17.90 19.26
N LYS B 89 -15.58 18.04 18.30
CA LYS B 89 -14.86 19.28 18.09
C LYS B 89 -15.82 20.42 17.75
N MET B 90 -16.81 20.15 16.90
CA MET B 90 -17.80 21.16 16.54
C MET B 90 -18.60 21.59 17.76
N LYS B 91 -18.82 20.67 18.68
CA LYS B 91 -19.54 20.97 19.91
C LYS B 91 -18.68 21.84 20.83
N GLU B 92 -17.36 21.63 20.75
CA GLU B 92 -16.43 22.39 21.58
C GLU B 92 -16.26 23.82 21.07
N MET B 93 -16.51 24.02 19.78
CA MET B 93 -16.24 25.30 19.14
C MET B 93 -17.49 26.15 18.93
N PHE B 94 -18.64 25.50 18.77
CA PHE B 94 -19.87 26.21 18.39
C PHE B 94 -21.12 25.70 19.14
N GLY B 95 -20.93 24.76 20.05
CA GLY B 95 -22.02 24.27 20.87
C GLY B 95 -22.72 23.06 20.28
N LYS B 96 -23.54 22.42 21.11
CA LYS B 96 -24.18 21.15 20.75
C LYS B 96 -25.19 21.29 19.62
N GLY B 97 -25.89 22.41 19.57
CA GLY B 97 -26.89 22.63 18.55
C GLY B 97 -26.30 22.56 17.16
N VAL B 98 -25.19 23.26 16.96
CA VAL B 98 -24.51 23.29 15.67
C VAL B 98 -23.93 21.91 15.36
N ALA B 99 -23.37 21.27 16.37
CA ALA B 99 -22.81 19.93 16.22
C ALA B 99 -23.88 18.95 15.78
N ASP B 100 -25.02 18.98 16.46
CA ASP B 100 -26.15 18.12 16.12
C ASP B 100 -26.69 18.46 14.73
N GLU B 101 -26.72 19.75 14.42
CA GLU B 101 -27.23 20.21 13.14
C GLU B 101 -26.36 19.70 11.99
N PHE B 102 -25.07 19.53 12.25
CA PHE B 102 -24.17 19.04 11.21
C PHE B 102 -24.29 17.54 10.98
N VAL B 103 -24.37 16.78 12.07
CA VAL B 103 -24.50 15.33 11.99
C VAL B 103 -25.77 14.99 11.25
N GLU B 104 -26.85 15.70 11.57
CA GLU B 104 -28.13 15.45 10.92
C GLU B 104 -28.03 15.73 9.44
N ALA B 105 -27.37 16.83 9.10
CA ALA B 105 -27.23 17.28 7.71
C ALA B 105 -26.41 16.32 6.86
N GLN B 106 -25.40 15.71 7.45
CA GLN B 106 -24.58 14.71 6.76
C GLN B 106 -25.39 13.43 6.52
N ILE B 107 -25.99 12.89 7.57
CA ILE B 107 -26.71 11.62 7.46
C ILE B 107 -27.95 11.73 6.57
N ASN B 108 -28.69 12.84 6.67
CA ASN B 108 -29.92 12.97 5.88
C ASN B 108 -29.63 13.35 4.43
N GLY B 109 -28.47 13.94 4.19
CA GLY B 109 -28.03 14.27 2.84
C GLY B 109 -28.19 15.73 2.45
N ALA B 110 -28.21 16.61 3.45
CA ALA B 110 -28.25 18.04 3.16
C ALA B 110 -26.87 18.47 2.69
N VAL B 111 -25.85 17.83 3.25
CA VAL B 111 -24.47 18.09 2.87
C VAL B 111 -23.77 16.77 2.61
N TYR B 112 -22.66 16.84 1.86
CA TYR B 112 -21.86 15.67 1.59
C TYR B 112 -20.43 15.88 2.06
N LEU B 113 -20.07 15.16 3.12
CA LEU B 113 -18.70 15.12 3.59
C LEU B 113 -17.89 14.20 2.70
N HIS B 114 -16.96 14.76 1.94
CA HIS B 114 -16.16 13.98 1.01
C HIS B 114 -15.05 13.24 1.74
N ASP B 115 -14.70 12.05 1.24
CA ASP B 115 -13.73 11.19 1.91
C ASP B 115 -14.03 11.07 3.40
N ARG B 116 -15.29 10.79 3.71
CA ARG B 116 -15.76 10.84 5.10
C ARG B 116 -15.10 9.80 5.99
N HIS B 117 -14.57 8.74 5.39
CA HIS B 117 -13.88 7.69 6.15
C HIS B 117 -12.47 8.12 6.54
N HIS B 118 -12.04 9.28 6.06
CA HIS B 118 -10.72 9.82 6.38
C HIS B 118 -10.81 11.19 7.07
N ALA B 119 -12.02 11.70 7.22
CA ALA B 119 -12.25 13.10 7.53
C ALA B 119 -11.62 13.58 8.84
N ALA B 120 -11.51 12.71 9.83
CA ALA B 120 -10.93 13.06 11.11
C ALA B 120 -9.52 12.49 11.27
N LEU B 121 -8.91 12.16 10.14
CA LEU B 121 -7.67 11.40 10.16
C LEU B 121 -6.57 12.03 9.30
N MET B 122 -6.89 12.41 8.07
CA MET B 122 -5.89 13.03 7.20
C MET B 122 -6.52 13.98 6.18
N PRO B 123 -5.71 14.90 5.63
CA PRO B 123 -6.24 15.93 4.73
C PRO B 123 -6.50 15.44 3.32
N TYR B 124 -6.95 16.34 2.47
CA TYR B 124 -7.52 16.00 1.16
C TYR B 124 -6.49 15.93 0.04
N CYS B 125 -5.94 17.08 -0.35
CA CYS B 125 -5.07 17.13 -1.53
C CYS B 125 -4.12 18.33 -1.53
N PHE B 126 -3.17 18.31 -2.46
CA PHE B 126 -2.17 19.35 -2.58
C PHE B 126 -1.37 19.20 -3.86
N ALA B 127 -0.94 20.33 -4.42
CA ALA B 127 -0.02 20.32 -5.56
C ALA B 127 1.36 20.71 -5.06
N TYR B 128 2.26 19.72 -5.05
CA TYR B 128 3.59 19.89 -4.46
C TYR B 128 4.61 20.43 -5.45
N THR B 129 5.66 21.03 -4.90
CA THR B 129 6.89 21.28 -5.65
C THR B 129 7.93 20.26 -5.21
N LEU B 130 8.68 19.72 -6.17
CA LEU B 130 9.68 18.70 -5.85
C LEU B 130 10.99 19.30 -5.34
N LYS B 131 11.00 20.61 -5.14
CA LYS B 131 12.19 21.31 -4.67
C LYS B 131 12.82 20.66 -3.44
N PRO B 132 12.04 20.47 -2.36
CA PRO B 132 12.64 19.90 -1.15
C PRO B 132 13.06 18.44 -1.31
N ILE B 133 12.42 17.75 -2.25
CA ILE B 133 12.79 16.38 -2.57
C ILE B 133 14.17 16.39 -3.21
N VAL B 134 14.40 17.36 -4.08
CA VAL B 134 15.68 17.49 -4.78
C VAL B 134 16.77 17.85 -3.78
N GLU B 135 16.45 18.74 -2.85
CA GLU B 135 17.47 19.33 -1.99
C GLU B 135 17.74 18.54 -0.72
N LYS B 136 16.87 17.60 -0.38
CA LYS B 136 16.98 16.87 0.88
C LYS B 136 16.83 15.36 0.69
N GLY B 137 16.48 14.93 -0.51
CA GLY B 137 16.23 13.53 -0.78
C GLY B 137 15.04 13.04 0.02
N LEU B 138 15.16 11.85 0.60
CA LEU B 138 14.07 11.24 1.37
C LEU B 138 14.52 10.97 2.81
N PRO B 139 14.49 12.00 3.66
CA PRO B 139 14.86 11.87 5.07
C PRO B 139 13.68 11.42 5.94
N PHE B 140 12.47 11.55 5.39
CA PHE B 140 11.26 11.33 6.17
C PHE B 140 10.74 9.90 6.08
N ILE B 141 11.23 9.13 5.12
CA ILE B 141 10.96 7.70 5.11
C ILE B 141 11.72 7.11 6.30
N LYS B 142 11.05 6.28 7.09
CA LYS B 142 11.63 5.77 8.32
C LYS B 142 12.31 4.41 8.13
N THR B 143 11.78 3.60 7.21
CA THR B 143 12.35 2.29 6.96
C THR B 143 13.77 2.38 6.36
N ILE B 144 14.04 3.49 5.68
CA ILE B 144 15.37 3.75 5.13
C ILE B 144 15.43 5.20 4.66
N LYS B 145 16.64 5.76 4.61
CA LYS B 145 16.82 7.17 4.26
C LYS B 145 17.67 7.33 3.00
N SER B 146 17.19 8.17 2.10
CA SER B 146 17.85 8.44 0.82
C SER B 146 18.44 9.84 0.79
N GLU B 147 19.70 9.93 0.40
CA GLU B 147 20.35 11.22 0.20
C GLU B 147 19.73 11.90 -1.01
N PRO B 148 19.96 13.21 -1.16
CA PRO B 148 19.50 13.90 -2.38
C PRO B 148 20.00 13.21 -3.64
N ALA B 149 19.12 13.07 -4.63
CA ALA B 149 19.43 12.32 -5.84
C ALA B 149 20.60 12.92 -6.60
N LYS B 150 21.28 12.08 -7.38
CA LYS B 150 22.42 12.51 -8.18
C LYS B 150 22.28 12.12 -9.64
N HIS B 151 21.25 11.33 -9.95
CA HIS B 151 21.05 10.83 -11.31
C HIS B 151 19.59 10.82 -11.70
N LEU B 152 19.34 10.77 -13.01
CA LEU B 152 17.99 10.72 -13.54
C LEU B 152 17.22 9.53 -12.96
N SER B 153 17.86 8.37 -12.92
CA SER B 153 17.20 7.15 -12.45
C SER B 153 16.72 7.30 -11.01
N THR B 154 17.59 7.81 -10.13
CA THR B 154 17.25 8.00 -8.72
C THR B 154 16.21 9.10 -8.54
N PHE B 155 16.30 10.16 -9.32
CA PHE B 155 15.33 11.25 -9.24
C PHE B 155 13.92 10.73 -9.51
N ILE B 156 13.76 10.02 -10.62
CA ILE B 156 12.49 9.38 -10.95
C ILE B 156 12.03 8.49 -9.82
N GLN B 157 12.97 7.69 -9.31
CA GLN B 157 12.65 6.71 -8.28
C GLN B 157 12.25 7.42 -6.98
N HIS B 158 12.83 8.59 -6.74
CA HIS B 158 12.44 9.42 -5.61
C HIS B 158 11.02 9.97 -5.75
N VAL B 159 10.68 10.40 -6.96
CA VAL B 159 9.35 10.90 -7.24
C VAL B 159 8.33 9.82 -6.91
N ILE B 160 8.67 8.58 -7.26
CA ILE B 160 7.78 7.44 -7.01
C ILE B 160 7.57 7.21 -5.51
N GLN B 161 8.66 7.16 -4.75
CA GLN B 161 8.55 6.95 -3.31
C GLN B 161 7.75 8.09 -2.69
N PHE B 162 7.85 9.29 -3.26
CA PHE B 162 7.10 10.42 -2.76
C PHE B 162 5.60 10.25 -3.01
N VAL B 163 5.24 9.77 -4.21
CA VAL B 163 3.83 9.58 -4.54
C VAL B 163 3.22 8.51 -3.64
N MET B 164 3.95 7.42 -3.41
CA MET B 164 3.48 6.37 -2.51
CA MET B 164 3.52 6.36 -2.51
C MET B 164 3.28 6.93 -1.11
N PHE B 165 4.26 7.70 -0.65
CA PHE B 165 4.21 8.36 0.65
C PHE B 165 3.00 9.29 0.76
N ALA B 166 2.89 10.25 -0.15
CA ALA B 166 1.85 11.26 -0.10
C ALA B 166 0.46 10.71 -0.38
N SER B 167 0.36 9.72 -1.27
CA SER B 167 -0.96 9.27 -1.72
C SER B 167 -1.68 8.41 -0.67
N ASN B 168 -0.94 7.94 0.33
CA ASN B 168 -1.55 7.20 1.44
C ASN B 168 -1.58 8.02 2.74
N GLN B 169 -1.31 9.31 2.61
CA GLN B 169 -1.42 10.25 3.73
C GLN B 169 -2.30 11.43 3.34
N SER B 170 -3.08 11.22 2.27
CA SER B 170 -4.06 12.18 1.84
C SER B 170 -5.15 11.42 1.09
N SER B 171 -6.32 12.04 0.96
CA SER B 171 -7.48 11.39 0.35
C SER B 171 -7.55 11.57 -1.16
N GLY B 172 -6.96 12.67 -1.64
CA GLY B 172 -7.12 13.08 -3.02
C GLY B 172 -5.84 13.11 -3.84
N ALA B 173 -5.77 14.11 -4.72
CA ALA B 173 -4.74 14.15 -5.75
C ALA B 173 -3.35 14.54 -5.24
N VAL B 174 -2.34 13.85 -5.76
CA VAL B 174 -0.96 14.29 -5.62
C VAL B 174 -0.58 15.07 -6.88
N GLY B 175 -0.48 16.39 -6.77
CA GLY B 175 -0.14 17.23 -7.91
C GLY B 175 1.35 17.38 -8.09
N LEU B 176 1.80 17.28 -9.34
CA LEU B 176 3.21 17.48 -9.67
C LEU B 176 3.38 18.47 -10.83
N PRO B 177 3.00 19.75 -10.62
CA PRO B 177 3.09 20.76 -11.68
C PRO B 177 4.50 20.98 -12.22
N ASP B 178 5.50 21.05 -11.35
CA ASP B 178 6.86 21.41 -11.76
C ASP B 178 7.78 20.20 -11.97
N PHE B 179 7.19 19.04 -12.26
CA PHE B 179 7.98 17.82 -12.46
C PHE B 179 9.06 17.98 -13.55
N PHE B 180 8.67 18.52 -14.69
CA PHE B 180 9.58 18.57 -15.84
C PHE B 180 10.66 19.63 -15.66
N VAL B 181 10.41 20.62 -14.81
CA VAL B 181 11.42 21.60 -14.46
C VAL B 181 12.62 20.90 -13.84
N TRP B 182 12.34 20.00 -12.89
CA TRP B 182 13.38 19.36 -12.10
C TRP B 182 13.97 18.14 -12.79
N MET B 183 13.15 17.41 -13.55
CA MET B 183 13.67 16.27 -14.27
C MET B 183 14.79 16.70 -15.21
N TRP B 184 14.58 17.79 -15.92
CA TRP B 184 15.53 18.24 -16.93
C TRP B 184 16.95 18.36 -16.37
N TYR B 185 17.07 18.97 -15.19
CA TYR B 185 18.39 19.16 -14.58
C TYR B 185 19.18 17.85 -14.46
N PHE B 186 18.49 16.76 -14.10
CA PHE B 186 19.15 15.46 -13.95
C PHE B 186 19.41 14.84 -15.31
N VAL B 187 18.54 15.11 -16.27
CA VAL B 187 18.79 14.69 -17.65
C VAL B 187 20.08 15.34 -18.12
N LYS B 188 20.29 16.59 -17.73
CA LYS B 188 21.47 17.33 -18.16
C LYS B 188 22.70 16.86 -17.40
N LYS B 189 22.52 16.50 -16.14
CA LYS B 189 23.64 16.09 -15.31
C LYS B 189 24.21 14.76 -15.80
N ASP B 190 23.35 13.78 -16.01
CA ASP B 190 23.79 12.45 -16.41
C ASP B 190 24.31 12.44 -17.84
N LEU B 191 23.84 13.37 -18.66
CA LEU B 191 24.33 13.48 -20.03
C LEU B 191 25.75 14.03 -20.04
N LYS B 192 25.97 15.09 -19.27
CA LYS B 192 27.28 15.71 -19.15
C LYS B 192 28.34 14.71 -18.75
N GLU B 193 28.04 13.95 -17.69
CA GLU B 193 29.04 13.11 -17.04
C GLU B 193 29.15 11.73 -17.68
N GLY B 194 28.68 11.61 -18.91
CA GLY B 194 28.80 10.37 -19.67
C GLY B 194 28.09 9.20 -19.02
N ILE B 195 27.08 9.50 -18.21
CA ILE B 195 26.27 8.46 -17.58
C ILE B 195 25.19 8.01 -18.58
N ILE B 196 24.81 8.92 -19.46
CA ILE B 196 23.82 8.63 -20.51
C ILE B 196 24.48 8.67 -21.87
N PRO B 197 24.49 7.53 -22.59
CA PRO B 197 25.02 7.55 -23.97
C PRO B 197 24.27 8.53 -24.87
N ARG B 198 25.00 9.44 -25.51
CA ARG B 198 24.41 10.47 -26.37
C ARG B 198 23.51 9.85 -27.43
N ASP B 199 24.03 8.83 -28.12
CA ASP B 199 23.30 8.17 -29.19
C ASP B 199 22.03 7.47 -28.70
N LYS B 200 21.88 7.38 -27.38
CA LYS B 200 20.64 6.88 -26.77
C LYS B 200 20.07 7.90 -25.79
N LEU B 201 20.17 9.18 -26.15
CA LEU B 201 19.70 10.24 -25.28
C LEU B 201 18.17 10.20 -25.21
N ASP B 202 17.53 10.07 -26.37
CA ASP B 202 16.07 10.03 -26.43
C ASP B 202 15.50 8.78 -25.77
N TRP B 203 16.24 7.68 -25.80
CA TRP B 203 15.76 6.45 -25.17
C TRP B 203 15.74 6.60 -23.67
N TYR B 204 16.88 6.97 -23.08
CA TYR B 204 16.99 7.14 -21.64
C TYR B 204 15.92 8.08 -21.08
N ILE B 205 15.52 9.06 -21.89
CA ILE B 205 14.51 10.03 -21.47
C ILE B 205 13.12 9.42 -21.53
N GLU B 206 12.80 8.77 -22.64
CA GLU B 206 11.48 8.18 -22.82
C GLU B 206 11.32 6.90 -22.00
N GLN B 207 12.46 6.32 -21.62
CA GLN B 207 12.47 5.11 -20.80
C GLN B 207 12.10 5.45 -19.35
N HIS B 208 12.48 6.64 -18.91
CA HIS B 208 12.14 7.12 -17.58
C HIS B 208 10.78 7.81 -17.58
N PHE B 209 10.32 8.30 -18.72
CA PHE B 209 8.92 8.70 -18.87
C PHE B 209 8.08 7.46 -18.63
N GLN B 210 8.55 6.35 -19.19
CA GLN B 210 7.81 5.10 -19.14
C GLN B 210 7.83 4.48 -17.75
N ILE B 211 8.97 4.55 -17.07
CA ILE B 211 9.09 3.97 -15.74
C ILE B 211 8.21 4.73 -14.77
N LEU B 212 8.27 6.06 -14.81
CA LEU B 212 7.45 6.86 -13.89
C LEU B 212 5.96 6.67 -14.17
N THR B 213 5.57 6.83 -15.43
CA THR B 213 4.16 6.79 -15.79
C THR B 213 3.53 5.44 -15.44
N TYR B 214 4.21 4.34 -15.76
CA TYR B 214 3.68 3.01 -15.47
C TYR B 214 3.57 2.77 -13.98
N SER B 215 4.56 3.22 -13.23
CA SER B 215 4.51 3.16 -11.77
C SER B 215 3.28 3.91 -11.23
N LEU B 216 3.00 5.08 -11.82
CA LEU B 216 1.87 5.90 -11.38
C LEU B 216 0.53 5.27 -11.74
N ASN B 217 0.56 4.20 -12.52
CA ASN B 217 -0.66 3.45 -12.80
C ASN B 217 -0.60 2.06 -12.14
N GLN B 218 0.16 1.96 -11.06
CA GLN B 218 0.20 0.76 -10.23
C GLN B 218 -0.71 0.95 -9.03
N PRO B 219 -1.34 -0.12 -8.54
CA PRO B 219 -2.25 0.02 -7.39
C PRO B 219 -1.52 0.37 -6.10
N ILE B 220 -0.96 1.56 -6.07
CA ILE B 220 -0.16 2.02 -4.94
C ILE B 220 -1.05 2.38 -3.76
N ARG B 221 -2.32 2.70 -4.03
CA ARG B 221 -3.31 2.91 -2.97
C ARG B 221 -4.10 1.62 -2.75
N THR B 222 -3.49 0.50 -3.10
CA THR B 222 -4.07 -0.83 -2.93
C THR B 222 -5.30 -1.00 -3.82
N THR B 223 -6.40 -0.40 -3.41
CA THR B 223 -7.67 -0.55 -4.13
C THR B 223 -7.55 0.01 -5.54
N GLN B 224 -6.59 0.91 -5.73
CA GLN B 224 -6.46 1.65 -6.98
C GLN B 224 -5.09 2.33 -7.07
N SER B 225 -4.80 2.92 -8.22
CA SER B 225 -3.57 3.69 -8.37
C SER B 225 -3.75 5.07 -7.77
N PRO B 226 -2.63 5.79 -7.54
CA PRO B 226 -2.77 7.12 -6.98
C PRO B 226 -3.49 8.04 -7.96
N TYR B 227 -3.95 9.18 -7.46
CA TYR B 227 -4.46 10.22 -8.33
C TYR B 227 -3.38 11.27 -8.44
N THR B 228 -2.83 11.42 -9.64
CA THR B 228 -1.74 12.36 -9.86
C THR B 228 -2.03 13.31 -11.01
N ASN B 229 -1.40 14.48 -10.96
CA ASN B 229 -1.53 15.51 -11.99
C ASN B 229 -0.19 15.94 -12.53
N PHE B 230 -0.12 16.11 -13.84
CA PHE B 230 0.99 16.80 -14.49
C PHE B 230 0.49 18.09 -15.12
N THR B 231 1.34 19.11 -15.12
CA THR B 231 1.01 20.38 -15.73
C THR B 231 2.06 20.79 -16.75
N TYR B 232 1.62 21.04 -17.98
CA TYR B 232 2.44 21.73 -18.95
C TYR B 232 2.42 23.20 -18.60
N LEU B 233 3.46 23.65 -17.91
CA LEU B 233 3.63 25.07 -17.61
C LEU B 233 4.17 25.78 -18.84
N ASP B 234 3.44 26.76 -19.35
CA ASP B 234 3.92 27.51 -20.51
C ASP B 234 5.03 28.45 -20.04
N ARG B 235 5.66 29.13 -20.98
CA ARG B 235 6.85 29.94 -20.69
C ARG B 235 6.60 31.03 -19.66
N ASN B 236 5.41 31.61 -19.69
CA ASN B 236 5.09 32.70 -18.77
C ASN B 236 5.04 32.20 -17.34
N TYR B 237 4.47 31.02 -17.15
CA TYR B 237 4.34 30.43 -15.82
C TYR B 237 5.70 30.00 -15.28
N ILE B 238 6.54 29.42 -16.13
CA ILE B 238 7.89 29.03 -15.71
C ILE B 238 8.65 30.26 -15.22
N LYS B 239 8.67 31.30 -16.04
CA LYS B 239 9.34 32.56 -15.70
C LYS B 239 8.87 33.13 -14.38
N ALA B 240 7.55 33.16 -14.18
CA ALA B 240 6.97 33.77 -13.00
C ALA B 240 7.28 32.99 -11.73
N ILE B 241 7.07 31.67 -11.78
CA ILE B 241 7.23 30.82 -10.61
C ILE B 241 8.68 30.77 -10.15
N PHE B 242 9.59 30.42 -11.04
CA PHE B 242 10.98 30.16 -10.68
C PHE B 242 11.86 31.37 -10.88
N GLU B 243 11.27 32.56 -10.73
CA GLU B 243 12.03 33.80 -10.76
C GLU B 243 13.02 33.82 -9.61
N GLY B 244 14.30 33.99 -9.93
CA GLY B 244 15.32 34.07 -8.92
C GLY B 244 15.74 32.73 -8.33
N GLU B 245 14.96 31.68 -8.62
CA GLU B 245 15.26 30.35 -8.08
C GLU B 245 16.39 29.68 -8.86
N ARG B 246 17.25 28.96 -8.15
CA ARG B 246 18.43 28.35 -8.74
C ARG B 246 18.43 26.83 -8.61
N TYR B 247 19.09 26.18 -9.55
CA TYR B 247 19.31 24.74 -9.51
C TYR B 247 20.42 24.41 -8.51
N PRO B 248 20.58 23.11 -8.19
CA PRO B 248 21.65 22.66 -7.29
C PRO B 248 23.06 23.08 -7.74
N ASP B 249 23.32 23.13 -9.05
CA ASP B 249 24.62 23.55 -9.55
C ASP B 249 24.82 25.06 -9.44
N GLY B 250 23.76 25.76 -9.05
CA GLY B 250 23.82 27.20 -8.84
C GLY B 250 23.21 28.02 -9.97
N SER B 251 23.03 27.39 -11.13
CA SER B 251 22.48 28.07 -12.29
C SER B 251 21.03 28.50 -12.05
N LEU B 252 20.57 29.48 -12.82
CA LEU B 252 19.20 29.94 -12.72
C LEU B 252 18.26 29.07 -13.56
N ILE B 253 17.09 28.79 -13.02
CA ILE B 253 16.11 27.96 -13.70
C ILE B 253 15.55 28.72 -14.90
N THR B 254 15.37 30.03 -14.74
CA THR B 254 14.86 30.87 -15.81
C THR B 254 15.82 30.95 -16.99
N ASP B 255 17.05 30.47 -16.81
CA ASP B 255 18.01 30.41 -17.91
C ASP B 255 17.73 29.20 -18.79
N HIS B 256 16.88 28.29 -18.32
CA HIS B 256 16.60 27.04 -19.01
C HIS B 256 15.11 26.88 -19.32
N VAL B 257 14.42 27.97 -19.61
CA VAL B 257 13.02 27.91 -19.97
C VAL B 257 12.83 27.04 -21.22
N GLU B 258 13.61 27.31 -22.25
CA GLU B 258 13.49 26.58 -23.51
C GLU B 258 13.77 25.11 -23.33
N ASP B 259 14.76 24.79 -22.50
CA ASP B 259 15.06 23.41 -22.19
C ASP B 259 13.87 22.71 -21.51
N ILE B 260 13.30 23.39 -20.52
CA ILE B 260 12.15 22.87 -19.79
C ILE B 260 10.95 22.67 -20.71
N ILE B 261 10.70 23.64 -21.60
CA ILE B 261 9.59 23.55 -22.54
C ILE B 261 9.73 22.32 -23.44
N ALA B 262 10.93 22.16 -23.99
CA ALA B 262 11.19 21.08 -24.94
C ALA B 262 11.00 19.71 -24.31
N LEU B 263 11.44 19.57 -23.06
CA LEU B 263 11.26 18.31 -22.35
C LEU B 263 9.77 18.05 -22.15
N GLN B 264 9.03 19.07 -21.72
CA GLN B 264 7.59 18.97 -21.57
C GLN B 264 6.94 18.52 -22.87
N LYS B 265 7.34 19.12 -23.97
CA LYS B 265 6.81 18.75 -25.28
C LYS B 265 7.13 17.29 -25.60
N HIS B 266 8.31 16.85 -25.19
CA HIS B 266 8.74 15.49 -25.43
C HIS B 266 7.81 14.49 -24.75
N TYR B 267 7.38 14.83 -23.53
CA TYR B 267 6.49 13.95 -22.80
C TYR B 267 5.12 13.87 -23.48
N TRP B 268 4.53 15.01 -23.81
CA TRP B 268 3.23 15.03 -24.46
C TRP B 268 3.29 14.30 -25.79
N GLU B 269 4.35 14.55 -26.55
CA GLU B 269 4.57 13.81 -27.79
C GLU B 269 4.69 12.33 -27.47
N TRP B 270 5.45 12.00 -26.44
CA TRP B 270 5.66 10.61 -26.04
C TRP B 270 4.37 9.94 -25.56
N VAL B 271 3.65 10.59 -24.65
CA VAL B 271 2.35 10.10 -24.17
C VAL B 271 1.47 9.70 -25.35
N SER B 272 1.25 10.64 -26.25
CA SER B 272 0.42 10.42 -27.43
C SER B 272 0.95 9.27 -28.27
N ARG B 273 2.25 9.02 -28.13
CA ARG B 273 2.92 7.94 -28.85
C ARG B 273 2.81 6.63 -28.09
N GLU B 274 2.64 6.71 -26.78
CA GLU B 274 2.70 5.53 -25.90
C GLU B 274 1.33 4.90 -25.66
N ARG B 275 0.26 5.67 -25.89
CA ARG B 275 -1.09 5.19 -25.61
C ARG B 275 -1.46 3.99 -26.48
N GLU B 276 -1.14 4.07 -27.77
CA GLU B 276 -1.47 3.00 -28.70
C GLU B 276 -0.91 1.66 -28.24
N ARG B 277 0.16 1.71 -27.45
CA ARG B 277 0.79 0.52 -26.93
C ARG B 277 0.15 0.06 -25.62
N GLN B 278 -0.23 1.03 -24.78
CA GLN B 278 -0.89 0.72 -23.53
C GLN B 278 -1.62 1.96 -23.02
N MET B 279 -2.93 1.85 -22.85
CA MET B 279 -3.73 2.97 -22.38
C MET B 279 -3.55 3.16 -20.88
N PHE B 280 -3.70 4.39 -20.41
CA PHE B 280 -3.56 4.70 -19.00
C PHE B 280 -4.26 6.00 -18.64
N THR B 281 -4.63 6.12 -17.38
CA THR B 281 -5.33 7.29 -16.87
C THR B 281 -4.36 8.36 -16.41
N PHE B 282 -3.38 7.95 -15.62
CA PHE B 282 -2.52 8.92 -14.92
C PHE B 282 -1.16 9.04 -15.57
N PRO B 283 -0.51 10.19 -15.40
CA PRO B 283 -1.02 11.37 -14.70
C PRO B 283 -2.10 12.08 -15.50
N VAL B 284 -2.97 12.82 -14.83
CA VAL B 284 -3.97 13.62 -15.50
C VAL B 284 -3.27 14.84 -16.06
N LEU B 285 -3.45 15.08 -17.35
CA LEU B 285 -2.70 16.12 -18.05
C LEU B 285 -3.44 17.44 -18.14
N THR B 286 -2.73 18.53 -17.85
CA THR B 286 -3.24 19.88 -17.99
C THR B 286 -2.18 20.79 -18.60
N ALA B 287 -2.61 21.73 -19.43
CA ALA B 287 -1.72 22.76 -19.94
C ALA B 287 -2.18 24.11 -19.39
N SER B 288 -1.28 24.76 -18.65
CA SER B 288 -1.57 26.08 -18.08
C SER B 288 -1.03 27.17 -18.98
N LEU B 289 -1.94 28.00 -19.50
CA LEU B 289 -1.59 29.01 -20.51
C LEU B 289 -2.10 30.38 -20.11
N LEU B 290 -1.23 31.37 -20.21
CA LEU B 290 -1.61 32.77 -19.97
C LEU B 290 -2.26 33.33 -21.23
N TYR B 291 -3.38 34.02 -21.06
CA TYR B 291 -4.21 34.46 -22.17
C TYR B 291 -4.91 35.77 -21.86
N LYS B 292 -4.53 36.83 -22.56
CA LYS B 292 -5.09 38.15 -22.31
C LYS B 292 -5.28 38.93 -23.61
N ASP B 293 -6.44 39.59 -23.72
CA ASP B 293 -6.77 40.43 -24.86
C ASP B 293 -6.79 39.65 -26.17
N GLY B 294 -7.38 38.45 -26.13
CA GLY B 294 -7.68 37.71 -27.34
C GLY B 294 -6.52 36.91 -27.94
N LYS B 295 -5.47 36.70 -27.15
CA LYS B 295 -4.29 36.02 -27.66
C LYS B 295 -3.51 35.30 -26.57
N PHE B 296 -2.85 34.21 -26.96
CA PHE B 296 -1.94 33.50 -26.06
C PHE B 296 -0.60 34.22 -26.01
N LEU B 297 -0.12 34.49 -24.80
CA LEU B 297 1.17 35.14 -24.62
C LEU B 297 2.31 34.17 -24.95
N ASP B 298 2.03 32.88 -24.83
CA ASP B 298 2.93 31.83 -25.28
C ASP B 298 2.22 31.02 -26.36
N GLU B 299 2.15 31.60 -27.56
CA GLU B 299 1.39 31.01 -28.65
C GLU B 299 2.02 29.73 -29.16
N ASP B 300 3.35 29.65 -29.08
CA ASP B 300 4.06 28.44 -29.49
C ASP B 300 3.62 27.24 -28.66
N SER B 301 3.45 27.44 -27.36
CA SER B 301 3.02 26.35 -26.49
C SER B 301 1.57 25.98 -26.75
N ALA B 302 0.72 27.00 -26.96
CA ALA B 302 -0.69 26.77 -27.22
C ALA B 302 -0.92 25.98 -28.50
N ARG B 303 -0.25 26.40 -29.58
CA ARG B 303 -0.40 25.72 -30.87
C ARG B 303 0.08 24.27 -30.78
N PHE B 304 1.11 24.04 -29.98
CA PHE B 304 1.62 22.69 -29.75
C PHE B 304 0.57 21.82 -29.08
N ILE B 305 0.03 22.30 -27.96
CA ILE B 305 -1.00 21.56 -27.24
C ILE B 305 -2.21 21.33 -28.13
N ASN B 306 -2.58 22.34 -28.90
CA ASN B 306 -3.72 22.20 -29.80
C ASN B 306 -3.47 21.07 -30.80
N LYS B 307 -2.26 21.00 -31.32
CA LYS B 307 -1.86 19.96 -32.26
C LYS B 307 -1.87 18.56 -31.62
N ILE B 308 -1.15 18.40 -30.52
CA ILE B 308 -1.04 17.10 -29.87
C ILE B 308 -2.42 16.55 -29.50
N ASN B 309 -3.30 17.41 -29.01
CA ASN B 309 -4.62 16.97 -28.56
C ASN B 309 -5.50 16.47 -29.69
N MET B 310 -5.10 16.74 -30.93
CA MET B 310 -5.89 16.30 -32.09
C MET B 310 -6.07 14.79 -32.09
N LYS B 311 -5.11 14.11 -31.47
CA LYS B 311 -5.08 12.65 -31.45
C LYS B 311 -6.06 12.05 -30.43
N TRP B 312 -5.80 12.28 -29.15
CA TRP B 312 -6.59 11.67 -28.08
C TRP B 312 -7.48 12.65 -27.33
N GLN B 313 -7.19 13.94 -27.45
CA GLN B 313 -7.86 14.95 -26.63
C GLN B 313 -7.70 14.57 -25.16
N ASP B 314 -6.47 14.23 -24.78
CA ASP B 314 -6.18 13.71 -23.44
C ASP B 314 -5.66 14.79 -22.49
N THR B 315 -5.66 16.04 -22.95
CA THR B 315 -5.18 17.16 -22.15
C THR B 315 -6.30 18.16 -21.89
N ASN B 316 -6.35 18.65 -20.65
CA ASN B 316 -7.29 19.69 -20.26
C ASN B 316 -6.68 21.08 -20.46
N TRP B 317 -7.48 22.02 -20.94
CA TRP B 317 -7.03 23.40 -21.09
C TRP B 317 -7.28 24.20 -19.82
N TYR B 318 -6.21 24.82 -19.31
CA TYR B 318 -6.30 25.76 -18.20
C TYR B 318 -6.02 27.15 -18.77
N ILE B 319 -6.93 28.08 -18.54
CA ILE B 319 -6.81 29.44 -19.06
C ILE B 319 -6.83 30.47 -17.95
N SER B 320 -5.78 31.27 -17.86
CA SER B 320 -5.70 32.35 -16.89
C SER B 320 -5.36 33.67 -17.59
N ASP B 321 -5.66 34.78 -16.92
CA ASP B 321 -5.46 36.11 -17.51
C ASP B 321 -4.36 36.89 -16.78
N SER B 322 -3.83 36.32 -15.70
CA SER B 322 -2.70 36.93 -15.01
C SER B 322 -1.91 35.89 -14.20
N ILE B 323 -0.64 36.18 -13.95
CA ILE B 323 0.23 35.32 -13.15
C ILE B 323 0.52 35.97 -11.79
N ASP B 324 -0.24 37.01 -11.47
CA ASP B 324 -0.07 37.74 -10.22
C ASP B 324 -0.23 36.83 -9.01
N ALA B 325 -0.99 35.75 -9.18
CA ALA B 325 -1.32 34.85 -8.07
C ALA B 325 -0.29 33.75 -7.86
N VAL B 326 0.80 33.79 -8.63
CA VAL B 326 1.82 32.74 -8.55
C VAL B 326 3.23 33.31 -8.64
N ALA B 327 3.36 34.62 -8.44
CA ALA B 327 4.63 35.31 -8.58
C ALA B 327 5.64 34.91 -7.51
N SER B 328 6.84 34.56 -7.93
CA SER B 328 7.95 34.25 -7.03
C SER B 328 7.57 33.20 -5.99
N CYS B 329 6.87 32.16 -6.42
CA CYS B 329 6.49 31.07 -5.53
C CYS B 329 7.56 29.98 -5.49
N GLU B 350 -2.17 37.44 4.20
CA GLU B 350 -2.14 36.00 4.41
C GLU B 350 -3.36 35.33 3.77
N LYS B 351 -4.17 36.11 3.08
CA LYS B 351 -5.32 35.57 2.36
C LYS B 351 -4.85 34.80 1.13
N LEU B 352 -5.41 33.62 0.94
CA LEU B 352 -4.89 32.70 -0.06
C LEU B 352 -5.50 32.95 -1.43
N LYS B 353 -4.64 33.08 -2.43
CA LYS B 353 -5.05 33.11 -3.82
C LYS B 353 -4.24 32.08 -4.60
N GLY B 354 -4.85 31.54 -5.65
CA GLY B 354 -4.25 30.47 -6.43
C GLY B 354 -5.34 29.48 -6.78
N ARG B 355 -5.37 29.02 -8.03
CA ARG B 355 -6.48 28.18 -8.47
C ARG B 355 -6.44 26.81 -7.80
N MET B 356 -7.60 26.42 -7.28
CA MET B 356 -7.79 25.10 -6.71
C MET B 356 -8.82 24.37 -7.54
N ASN B 357 -8.43 23.24 -8.12
CA ASN B 357 -9.34 22.43 -8.90
C ASN B 357 -9.05 20.96 -8.67
N SER B 358 -10.09 20.20 -8.33
CA SER B 358 -9.91 18.83 -7.91
C SER B 358 -9.44 17.95 -9.07
N ILE B 359 -9.90 18.27 -10.28
CA ILE B 359 -9.56 17.46 -11.45
C ILE B 359 -8.10 17.66 -11.84
N GLY B 360 -7.62 18.89 -11.74
CA GLY B 360 -6.28 19.23 -12.18
C GLY B 360 -6.17 20.71 -12.49
N GLY B 361 -4.95 21.19 -12.66
CA GLY B 361 -4.72 22.60 -12.94
C GLY B 361 -4.45 23.41 -11.69
N SER B 362 -4.56 22.78 -10.53
CA SER B 362 -4.26 23.46 -9.27
C SER B 362 -2.86 24.06 -9.32
N ASP B 363 -2.75 25.36 -9.05
CA ASP B 363 -1.47 26.04 -9.03
C ASP B 363 -0.50 25.36 -8.07
N LEU B 364 0.79 25.56 -8.32
CA LEU B 364 1.83 25.05 -7.45
C LEU B 364 1.59 25.50 -6.02
N ASN B 365 1.83 24.62 -5.06
CA ASN B 365 1.63 24.91 -3.64
C ASN B 365 0.22 25.43 -3.34
N ILE B 366 -0.76 24.80 -3.98
CA ILE B 366 -2.16 25.02 -3.64
C ILE B 366 -2.85 23.68 -3.44
N GLY B 367 -3.67 23.62 -2.40
CA GLY B 367 -4.52 22.47 -2.16
C GLY B 367 -5.74 22.83 -1.33
N SER B 368 -6.46 21.79 -0.95
CA SER B 368 -7.58 21.91 -0.03
C SER B 368 -7.39 20.83 1.02
N PHE B 369 -7.74 21.12 2.28
CA PHE B 369 -7.62 20.13 3.33
C PHE B 369 -8.90 19.31 3.43
N LYS B 370 -10.02 19.90 3.00
CA LYS B 370 -11.28 19.17 2.94
C LYS B 370 -12.34 19.86 2.09
N VAL B 371 -13.17 19.06 1.44
CA VAL B 371 -14.36 19.55 0.74
C VAL B 371 -15.63 19.06 1.43
N ILE B 372 -16.56 19.98 1.67
CA ILE B 372 -17.90 19.65 2.13
C ILE B 372 -18.88 20.29 1.16
N THR B 373 -19.72 19.47 0.54
CA THR B 373 -20.61 19.93 -0.51
C THR B 373 -22.01 20.21 0.01
N VAL B 374 -22.65 21.24 -0.54
CA VAL B 374 -24.03 21.56 -0.23
C VAL B 374 -24.95 20.95 -1.28
N ASN B 375 -25.96 20.22 -0.82
CA ASN B 375 -26.98 19.69 -1.71
C ASN B 375 -27.94 20.81 -2.11
N LEU B 376 -27.75 21.36 -3.30
CA LEU B 376 -28.57 22.48 -3.75
C LEU B 376 -29.99 22.03 -4.13
N PRO B 377 -30.12 20.88 -4.79
CA PRO B 377 -31.47 20.36 -5.03
C PRO B 377 -32.27 20.17 -3.74
N ARG B 378 -31.59 19.84 -2.65
CA ARG B 378 -32.25 19.70 -1.35
C ARG B 378 -32.93 21.01 -0.97
N ILE B 379 -32.18 22.10 -1.05
CA ILE B 379 -32.68 23.41 -0.67
C ILE B 379 -33.85 23.81 -1.59
N ALA B 380 -33.79 23.39 -2.85
CA ALA B 380 -34.88 23.64 -3.77
C ALA B 380 -36.14 22.93 -3.30
N LEU B 381 -35.97 21.73 -2.79
CA LEU B 381 -37.10 20.91 -2.33
C LEU B 381 -37.69 21.51 -1.05
N GLU B 382 -36.84 22.06 -0.19
CA GLU B 382 -37.29 22.70 1.04
C GLU B 382 -37.96 24.04 0.78
N SER B 383 -37.45 24.76 -0.21
CA SER B 383 -37.92 26.11 -0.50
C SER B 383 -39.36 26.12 -1.02
N GLY B 384 -39.72 25.07 -1.74
CA GLY B 384 -41.05 24.95 -2.32
C GLY B 384 -41.28 25.90 -3.47
N GLY B 385 -40.22 26.60 -3.87
CA GLY B 385 -40.29 27.55 -4.96
C GLY B 385 -39.89 28.95 -4.54
N ASP B 386 -40.13 29.26 -3.26
CA ASP B 386 -39.79 30.57 -2.72
C ASP B 386 -38.29 30.79 -2.81
N ARG B 387 -37.88 31.63 -3.75
CA ARG B 387 -36.46 31.85 -4.01
C ARG B 387 -35.78 32.63 -2.89
N GLU B 388 -36.51 33.50 -2.22
CA GLU B 388 -35.95 34.24 -1.10
C GLU B 388 -35.69 33.29 0.07
N LYS B 389 -36.61 32.35 0.27
CA LYS B 389 -36.46 31.34 1.30
C LYS B 389 -35.26 30.47 0.99
N TYR B 390 -35.14 30.08 -0.28
CA TYR B 390 -34.02 29.29 -0.78
C TYR B 390 -32.70 29.92 -0.36
N LEU B 391 -32.54 31.21 -0.66
CA LEU B 391 -31.29 31.92 -0.41
C LEU B 391 -30.98 32.08 1.08
N GLN B 392 -32.02 32.10 1.92
CA GLN B 392 -31.81 32.14 3.37
C GLN B 392 -31.24 30.82 3.88
N ILE B 393 -31.84 29.72 3.43
CA ILE B 393 -31.37 28.39 3.80
C ILE B 393 -29.92 28.19 3.36
N LEU B 394 -29.63 28.62 2.14
CA LEU B 394 -28.30 28.46 1.55
C LEU B 394 -27.23 29.14 2.42
N ARG B 395 -27.44 30.42 2.73
CA ARG B 395 -26.49 31.16 3.55
C ARG B 395 -26.29 30.48 4.90
N HIS B 396 -27.35 29.88 5.42
CA HIS B 396 -27.27 29.20 6.71
C HIS B 396 -26.40 27.96 6.60
N ARG B 397 -26.70 27.12 5.62
CA ARG B 397 -25.99 25.87 5.44
C ARG B 397 -24.53 26.10 5.06
N VAL B 398 -24.27 27.13 4.27
CA VAL B 398 -22.90 27.52 3.96
C VAL B 398 -22.18 27.87 5.25
N GLN B 399 -22.86 28.64 6.11
CA GLN B 399 -22.30 29.05 7.40
C GLN B 399 -22.12 27.86 8.34
N LEU B 400 -22.93 26.82 8.14
CA LEU B 400 -22.79 25.60 8.91
C LEU B 400 -21.58 24.81 8.39
N ILE B 401 -21.47 24.74 7.07
CA ILE B 401 -20.36 24.07 6.41
C ILE B 401 -19.04 24.68 6.84
N LYS B 402 -19.01 26.01 6.92
CA LYS B 402 -17.80 26.73 7.28
C LYS B 402 -17.31 26.34 8.67
N LYS B 403 -18.26 26.17 9.60
CA LYS B 403 -17.92 25.78 10.95
C LYS B 403 -17.32 24.38 10.97
N ALA B 404 -17.88 23.49 10.15
CA ALA B 404 -17.40 22.12 10.06
C ALA B 404 -15.97 22.08 9.53
N LEU B 405 -15.72 22.84 8.45
CA LEU B 405 -14.38 22.92 7.89
C LEU B 405 -13.39 23.41 8.95
N ALA B 406 -13.80 24.40 9.73
CA ALA B 406 -12.95 24.99 10.74
C ALA B 406 -12.61 23.97 11.81
N ALA B 407 -13.60 23.14 12.16
CA ALA B 407 -13.42 22.10 13.16
C ALA B 407 -12.44 21.05 12.64
N VAL B 408 -12.67 20.60 11.41
CA VAL B 408 -11.81 19.60 10.79
C VAL B 408 -10.38 20.12 10.74
N ARG B 409 -10.22 21.39 10.41
CA ARG B 409 -8.89 21.98 10.31
C ARG B 409 -8.18 21.87 11.65
N GLU B 410 -8.93 22.06 12.74
CA GLU B 410 -8.38 21.93 14.07
C GLU B 410 -7.98 20.48 14.36
N ILE B 411 -8.79 19.54 13.87
CA ILE B 411 -8.48 18.12 14.02
C ILE B 411 -7.22 17.76 13.26
N ILE B 412 -7.07 18.31 12.06
CA ILE B 412 -5.88 18.09 11.25
C ILE B 412 -4.65 18.54 12.02
N LYS B 413 -4.73 19.74 12.58
CA LYS B 413 -3.64 20.33 13.35
C LYS B 413 -3.28 19.42 14.53
N GLU B 414 -4.29 18.80 15.12
CA GLU B 414 -4.05 17.84 16.20
C GLU B 414 -3.24 16.65 15.69
N ARG B 415 -3.64 16.10 14.54
CA ARG B 415 -2.94 14.96 13.96
C ARG B 415 -1.48 15.31 13.65
N ILE B 416 -1.27 16.49 13.06
CA ILE B 416 0.08 16.97 12.78
C ILE B 416 0.94 16.94 14.04
N SER B 417 0.49 17.64 15.08
CA SER B 417 1.27 17.75 16.31
C SER B 417 1.45 16.38 16.96
N GLU B 418 0.50 15.48 16.70
CA GLU B 418 0.57 14.13 17.24
C GLU B 418 1.56 13.27 16.44
N GLY B 419 2.15 13.85 15.40
CA GLY B 419 3.21 13.21 14.65
C GLY B 419 2.74 12.30 13.53
N LEU B 420 1.43 12.28 13.27
CA LEU B 420 0.84 11.33 12.33
C LEU B 420 0.86 11.81 10.88
N LEU B 421 1.27 13.05 10.67
CA LEU B 421 1.24 13.66 9.32
C LEU B 421 2.57 14.30 8.94
N PRO B 422 3.60 13.49 8.68
CA PRO B 422 4.94 13.98 8.38
C PRO B 422 5.04 14.92 7.18
N LEU B 423 4.10 14.82 6.23
CA LEU B 423 4.12 15.70 5.05
C LEU B 423 4.18 17.16 5.45
N TYR B 424 3.52 17.50 6.55
CA TYR B 424 3.54 18.86 7.06
C TYR B 424 4.89 19.16 7.72
N GLU B 425 5.37 18.23 8.54
CA GLU B 425 6.62 18.42 9.27
C GLU B 425 7.80 18.66 8.34
N ASN B 426 7.77 18.02 7.17
CA ASN B 426 8.86 18.16 6.20
C ASN B 426 8.57 19.21 5.12
N GLY B 427 7.56 20.05 5.37
CA GLY B 427 7.25 21.16 4.48
C GLY B 427 6.94 20.78 3.06
N LEU B 428 6.25 19.64 2.88
CA LEU B 428 5.79 19.22 1.57
C LEU B 428 4.33 19.63 1.38
N MET B 429 3.48 19.22 2.32
CA MET B 429 2.11 19.72 2.39
C MET B 429 2.11 20.96 3.28
N LEU B 430 1.43 22.01 2.82
CA LEU B 430 1.43 23.30 3.51
C LEU B 430 0.02 23.70 3.91
N LEU B 431 -0.23 23.73 5.22
CA LEU B 431 -1.58 23.96 5.72
C LEU B 431 -2.07 25.38 5.42
N ASN B 432 -1.20 26.37 5.63
CA ASN B 432 -1.54 27.76 5.34
C ASN B 432 -1.89 27.97 3.86
N ARG B 433 -1.36 27.09 3.01
CA ARG B 433 -1.61 27.16 1.57
C ARG B 433 -2.72 26.19 1.15
N GLN B 434 -3.55 25.78 2.10
CA GLN B 434 -4.69 24.89 1.82
C GLN B 434 -6.03 25.57 2.09
N TYR B 435 -6.92 25.52 1.09
CA TYR B 435 -8.27 26.07 1.24
C TYR B 435 -9.16 25.15 2.06
N GLY B 436 -10.20 25.73 2.65
CA GLY B 436 -11.36 24.98 3.09
C GLY B 436 -12.37 25.14 1.98
N THR B 437 -12.92 24.04 1.49
CA THR B 437 -13.72 24.09 0.27
C THR B 437 -15.22 23.86 0.51
N ILE B 438 -16.02 24.81 0.07
CA ILE B 438 -17.47 24.65 0.03
C ILE B 438 -17.85 24.11 -1.33
N GLY B 439 -18.07 22.81 -1.42
CA GLY B 439 -18.43 22.20 -2.68
C GLY B 439 -19.86 22.50 -3.04
N VAL B 440 -20.19 22.35 -4.33
CA VAL B 440 -21.57 22.52 -4.79
C VAL B 440 -21.85 21.48 -5.87
N THR B 441 -23.12 21.08 -5.98
CA THR B 441 -23.52 20.07 -6.95
C THR B 441 -25.03 20.15 -7.16
N GLY B 442 -25.48 19.72 -8.33
CA GLY B 442 -26.91 19.66 -8.62
C GLY B 442 -27.51 21.00 -8.98
N VAL B 443 -26.68 21.91 -9.50
CA VAL B 443 -27.14 23.25 -9.90
C VAL B 443 -28.31 23.16 -10.88
N TRP B 444 -28.11 22.44 -11.96
CA TRP B 444 -29.16 22.26 -12.97
C TRP B 444 -30.44 21.68 -12.38
N GLU B 445 -30.31 20.59 -11.65
CA GLU B 445 -31.46 19.90 -11.08
C GLU B 445 -32.16 20.77 -10.06
N SER B 446 -31.40 21.61 -9.39
CA SER B 446 -31.95 22.54 -8.41
C SER B 446 -32.86 23.55 -9.10
N ALA B 447 -32.31 24.24 -10.10
CA ALA B 447 -33.05 25.22 -10.87
C ALA B 447 -34.29 24.59 -11.51
N SER B 448 -34.13 23.36 -11.99
CA SER B 448 -35.24 22.65 -12.61
C SER B 448 -36.42 22.51 -11.65
N ILE B 449 -36.11 22.09 -10.43
CA ILE B 449 -37.14 21.94 -9.39
C ILE B 449 -37.79 23.29 -9.09
N MET B 450 -37.00 24.36 -9.13
CA MET B 450 -37.53 25.70 -8.91
C MET B 450 -38.39 26.15 -10.10
N GLY B 451 -38.31 25.40 -11.19
CA GLY B 451 -39.07 25.70 -12.38
C GLY B 451 -38.39 26.80 -13.18
N LEU B 452 -37.07 26.74 -13.26
CA LEU B 452 -36.28 27.78 -13.88
C LEU B 452 -35.40 27.25 -15.02
N THR B 453 -35.88 26.20 -15.68
CA THR B 453 -35.22 25.65 -16.86
C THR B 453 -36.23 25.57 -18.00
N THR B 454 -35.73 25.49 -19.23
CA THR B 454 -36.60 25.45 -20.40
C THR B 454 -35.87 24.88 -21.61
N GLU B 455 -36.49 25.02 -22.78
CA GLU B 455 -35.89 24.56 -24.03
C GLU B 455 -36.29 25.46 -25.18
N ASP B 456 -35.51 25.43 -26.25
CA ASP B 456 -35.87 26.13 -27.48
C ASP B 456 -35.09 25.52 -28.66
N ILE B 457 -35.01 26.24 -29.77
CA ILE B 457 -34.43 25.71 -30.99
C ILE B 457 -32.99 25.24 -30.81
N ASP B 458 -32.30 25.82 -29.82
CA ASP B 458 -30.91 25.45 -29.54
C ASP B 458 -30.80 24.64 -28.25
N GLY B 459 -31.86 23.89 -27.94
CA GLY B 459 -31.80 22.90 -26.87
C GLY B 459 -32.06 23.42 -25.46
N LEU B 460 -31.79 22.55 -24.50
CA LEU B 460 -32.02 22.84 -23.08
C LEU B 460 -31.17 24.01 -22.57
N LYS B 461 -31.78 24.84 -21.74
CA LYS B 461 -31.10 26.01 -21.17
C LYS B 461 -31.81 26.54 -19.93
N TYR B 462 -31.21 27.52 -19.27
CA TYR B 462 -31.83 28.19 -18.14
C TYR B 462 -32.77 29.29 -18.63
N THR B 463 -33.82 29.55 -17.87
CA THR B 463 -34.68 30.70 -18.13
C THR B 463 -33.98 31.94 -17.64
N GLU B 464 -34.51 33.11 -17.99
CA GLU B 464 -33.89 34.37 -17.60
C GLU B 464 -33.81 34.49 -16.08
N GLU B 465 -34.92 34.22 -15.40
CA GLU B 465 -34.94 34.26 -13.95
C GLU B 465 -34.05 33.17 -13.37
N GLY B 466 -33.93 32.07 -14.09
CA GLY B 466 -33.06 30.98 -13.67
C GLY B 466 -31.60 31.39 -13.64
N GLU B 467 -31.18 32.11 -14.66
CA GLU B 467 -29.80 32.58 -14.72
C GLU B 467 -29.53 33.59 -13.61
N VAL B 468 -30.52 34.43 -13.31
CA VAL B 468 -30.40 35.38 -12.20
C VAL B 468 -30.28 34.60 -10.90
N PHE B 469 -31.10 33.55 -10.79
CA PHE B 469 -31.11 32.73 -9.58
C PHE B 469 -29.75 32.10 -9.34
N VAL B 470 -29.15 31.55 -10.40
CA VAL B 470 -27.82 30.96 -10.28
C VAL B 470 -26.81 32.02 -9.89
N ASP B 471 -26.93 33.22 -10.48
CA ASP B 471 -26.08 34.34 -10.08
C ASP B 471 -26.20 34.58 -8.58
N ASN B 472 -27.43 34.60 -8.07
CA ASN B 472 -27.66 34.79 -6.63
C ASN B 472 -27.06 33.68 -5.79
N VAL B 473 -27.25 32.43 -6.20
CA VAL B 473 -26.73 31.29 -5.44
C VAL B 473 -25.23 31.40 -5.25
N LEU B 474 -24.51 31.59 -6.35
CA LEU B 474 -23.06 31.58 -6.34
C LEU B 474 -22.50 32.79 -5.60
N ASP B 475 -23.10 33.95 -5.84
CA ASP B 475 -22.66 35.17 -5.19
C ASP B 475 -22.86 35.06 -3.69
N THR B 476 -23.99 34.49 -3.29
CA THR B 476 -24.29 34.30 -1.87
C THR B 476 -23.19 33.47 -1.21
N ILE B 477 -22.94 32.29 -1.76
CA ILE B 477 -21.91 31.40 -1.25
C ILE B 477 -20.57 32.15 -1.23
N ARG B 478 -20.30 32.89 -2.30
CA ARG B 478 -19.03 33.60 -2.42
C ARG B 478 -18.85 34.61 -1.29
N GLU B 479 -19.89 35.39 -1.01
CA GLU B 479 -19.82 36.36 0.07
C GLU B 479 -19.42 35.69 1.38
N GLU B 480 -20.09 34.58 1.71
CA GLU B 480 -19.82 33.85 2.94
C GLU B 480 -18.41 33.27 2.97
N ALA B 481 -17.91 32.84 1.81
CA ALA B 481 -16.55 32.33 1.72
C ALA B 481 -15.56 33.43 2.06
N GLU B 482 -15.80 34.62 1.53
CA GLU B 482 -14.93 35.77 1.75
C GLU B 482 -14.96 36.21 3.22
N LYS B 483 -16.14 36.13 3.82
CA LYS B 483 -16.30 36.44 5.25
C LYS B 483 -15.56 35.42 6.10
N GLY B 484 -15.56 34.18 5.63
CA GLY B 484 -14.95 33.06 6.34
C GLY B 484 -13.51 33.36 6.75
N TYR B 485 -12.78 34.06 5.90
CA TYR B 485 -11.41 34.43 6.21
C TYR B 485 -11.32 35.26 7.49
N HIS B 486 -12.14 36.30 7.57
CA HIS B 486 -12.18 37.14 8.76
C HIS B 486 -12.78 36.38 9.94
N GLU B 487 -13.66 35.43 9.63
CA GLU B 487 -14.37 34.66 10.65
C GLU B 487 -13.52 33.56 11.31
N TYR B 488 -12.81 32.78 10.50
CA TYR B 488 -12.23 31.51 10.96
C TYR B 488 -10.71 31.41 10.84
N GLY B 489 -10.07 32.41 10.25
CA GLY B 489 -8.61 32.49 10.23
C GLY B 489 -7.93 31.89 9.01
N PHE B 490 -8.68 31.19 8.17
CA PHE B 490 -8.12 30.60 6.96
C PHE B 490 -9.04 30.86 5.78
N THR B 491 -8.51 30.68 4.57
CA THR B 491 -9.22 31.08 3.36
C THR B 491 -10.14 29.97 2.84
N PHE B 492 -11.28 30.37 2.30
CA PHE B 492 -12.30 29.43 1.81
C PHE B 492 -12.45 29.54 0.30
N ASN B 493 -12.71 28.40 -0.35
CA ASN B 493 -12.92 28.40 -1.80
C ASN B 493 -14.17 27.62 -2.19
N ILE B 494 -14.61 27.82 -3.44
CA ILE B 494 -15.82 27.19 -3.95
C ILE B 494 -15.47 26.29 -5.12
N GLU B 495 -16.19 25.19 -5.26
CA GLU B 495 -15.96 24.29 -6.38
C GLU B 495 -17.19 23.45 -6.73
N GLN B 496 -17.58 23.52 -8.00
CA GLN B 496 -18.54 22.57 -8.56
C GLN B 496 -17.81 21.25 -8.74
N VAL B 497 -17.91 20.38 -7.74
CA VAL B 497 -17.07 19.20 -7.66
C VAL B 497 -17.50 18.11 -8.65
N PRO B 498 -16.56 17.20 -9.00
CA PRO B 498 -16.85 16.08 -9.89
C PRO B 498 -18.01 15.23 -9.38
N ALA B 499 -18.03 14.97 -8.08
CA ALA B 499 -19.13 14.23 -7.43
C ALA B 499 -19.41 12.92 -8.13
N GLU B 500 -18.37 12.11 -8.31
CA GLU B 500 -18.52 10.80 -8.93
C GLU B 500 -19.49 9.91 -8.16
N LYS B 501 -19.46 10.01 -6.83
CA LYS B 501 -20.36 9.24 -5.98
C LYS B 501 -21.46 10.12 -5.38
N ALA B 502 -21.08 11.29 -4.87
CA ALA B 502 -22.03 12.17 -4.17
C ALA B 502 -23.22 12.53 -5.06
N ALA B 503 -22.99 12.59 -6.37
CA ALA B 503 -24.05 12.91 -7.31
C ALA B 503 -25.16 11.85 -7.31
N VAL B 504 -24.84 10.68 -6.78
CA VAL B 504 -25.79 9.57 -6.74
C VAL B 504 -26.46 9.47 -5.38
N THR B 505 -25.65 9.46 -4.33
CA THR B 505 -26.17 9.19 -2.98
C THR B 505 -27.09 10.31 -2.52
N LEU B 506 -26.84 11.52 -2.99
CA LEU B 506 -27.64 12.66 -2.59
C LEU B 506 -29.01 12.64 -3.28
N ALA B 507 -29.02 12.31 -4.56
CA ALA B 507 -30.29 12.15 -5.29
C ALA B 507 -31.09 11.01 -4.68
N GLN B 508 -30.38 9.94 -4.31
CA GLN B 508 -30.98 8.80 -3.61
C GLN B 508 -31.70 9.21 -2.33
N LYS B 509 -30.95 9.86 -1.44
CA LYS B 509 -31.49 10.35 -0.18
C LYS B 509 -32.65 11.34 -0.41
N ASP B 510 -32.46 12.28 -1.33
CA ASP B 510 -33.51 13.24 -1.66
C ASP B 510 -34.75 12.51 -2.19
N ARG B 511 -34.51 11.50 -3.02
CA ARG B 511 -35.60 10.74 -3.60
C ARG B 511 -36.28 9.89 -2.54
N PHE B 512 -35.53 9.52 -1.50
CA PHE B 512 -36.07 8.73 -0.40
C PHE B 512 -36.92 9.60 0.52
N LEU B 513 -36.57 10.88 0.61
CA LEU B 513 -37.25 11.81 1.51
C LEU B 513 -38.35 12.62 0.83
N PHE B 514 -38.34 12.65 -0.50
CA PHE B 514 -39.29 13.47 -1.26
C PHE B 514 -39.95 12.70 -2.40
N GLY B 515 -39.37 11.57 -2.77
CA GLY B 515 -40.00 10.68 -3.74
C GLY B 515 -40.24 11.30 -5.10
N GLU B 516 -41.51 11.57 -5.38
CA GLU B 516 -41.93 12.02 -6.70
C GLU B 516 -41.37 13.40 -7.02
N LYS B 517 -41.19 14.22 -5.99
CA LYS B 517 -40.68 15.58 -6.15
C LYS B 517 -39.28 15.62 -6.75
N GLN B 518 -38.56 14.51 -6.66
CA GLN B 518 -37.18 14.43 -7.14
C GLN B 518 -37.09 13.40 -8.27
N PRO B 519 -37.25 13.84 -9.53
CA PRO B 519 -37.35 12.93 -10.67
C PRO B 519 -36.00 12.54 -11.26
N PHE B 520 -34.92 13.10 -10.73
CA PHE B 520 -33.58 12.82 -11.27
C PHE B 520 -32.94 11.63 -10.55
N GLU B 521 -32.31 10.76 -11.33
CA GLU B 521 -31.58 9.62 -10.77
C GLU B 521 -30.23 10.08 -10.23
N ILE B 522 -29.62 11.07 -10.89
CA ILE B 522 -28.36 11.65 -10.43
C ILE B 522 -28.31 13.15 -10.66
N TYR B 523 -27.37 13.81 -10.00
CA TYR B 523 -27.19 15.25 -10.11
C TYR B 523 -25.99 15.56 -11.00
N SER B 524 -25.95 16.77 -11.56
CA SER B 524 -24.95 17.14 -12.55
C SER B 524 -23.77 17.89 -11.94
N ASN B 525 -22.60 17.70 -12.53
CA ASN B 525 -21.37 18.32 -12.06
C ASN B 525 -20.86 19.43 -12.99
N GLN B 526 -21.71 19.83 -13.93
CA GLN B 526 -21.44 20.98 -14.79
C GLN B 526 -22.66 21.90 -14.76
N TRP B 527 -22.52 23.13 -15.24
CA TRP B 527 -23.63 24.07 -15.21
C TRP B 527 -24.77 23.54 -16.06
N VAL B 528 -24.42 22.86 -17.14
CA VAL B 528 -25.39 22.15 -17.98
C VAL B 528 -25.01 20.68 -18.04
N PRO B 529 -25.98 19.77 -17.83
CA PRO B 529 -25.66 18.33 -17.85
C PRO B 529 -24.95 17.91 -19.14
N LEU B 530 -23.90 17.10 -19.00
CA LEU B 530 -23.08 16.67 -20.14
C LEU B 530 -23.92 16.06 -21.26
N MET B 531 -24.92 15.26 -20.88
CA MET B 531 -25.73 14.52 -21.85
C MET B 531 -27.03 15.25 -22.19
N ALA B 532 -27.08 16.54 -21.88
CA ALA B 532 -28.24 17.36 -22.24
C ALA B 532 -28.08 17.89 -23.66
N ASN B 533 -29.09 17.67 -24.50
CA ASN B 533 -29.06 18.22 -25.85
C ASN B 533 -29.14 19.74 -25.80
N THR B 534 -27.97 20.38 -25.90
CA THR B 534 -27.89 21.82 -25.87
C THR B 534 -26.79 22.28 -26.81
N ASP B 535 -27.00 23.43 -27.44
CA ASP B 535 -25.98 24.03 -28.27
C ASP B 535 -24.74 24.28 -27.41
N VAL B 536 -23.58 23.87 -27.92
CA VAL B 536 -22.33 23.99 -27.17
C VAL B 536 -22.10 25.44 -26.74
N LEU B 537 -22.60 26.38 -27.52
CA LEU B 537 -22.38 27.80 -27.24
C LEU B 537 -23.07 28.22 -25.95
N ASN B 538 -24.17 27.56 -25.61
CA ASN B 538 -24.83 27.80 -24.34
C ASN B 538 -23.94 27.37 -23.19
N ARG B 539 -23.34 26.19 -23.33
CA ARG B 539 -22.43 25.67 -22.31
C ARG B 539 -21.28 26.64 -22.10
N ILE B 540 -20.70 27.10 -23.20
CA ILE B 540 -19.56 28.02 -23.14
C ILE B 540 -19.96 29.31 -22.44
N ARG B 541 -21.16 29.79 -22.76
CA ARG B 541 -21.65 31.03 -22.19
C ARG B 541 -21.78 30.90 -20.67
N TYR B 542 -22.45 29.85 -20.22
CA TYR B 542 -22.68 29.65 -18.81
C TYR B 542 -21.38 29.45 -18.03
N SER B 543 -20.40 28.80 -18.64
CA SER B 543 -19.09 28.64 -18.02
C SER B 543 -18.36 29.97 -18.01
N GLY B 544 -18.55 30.74 -19.08
CA GLY B 544 -18.01 32.08 -19.16
C GLY B 544 -18.56 32.94 -18.03
N LYS B 545 -19.85 32.82 -17.79
CA LYS B 545 -20.52 33.56 -16.72
C LYS B 545 -20.08 33.16 -15.31
N TRP B 546 -20.01 31.85 -15.03
CA TRP B 546 -19.96 31.37 -13.66
C TRP B 546 -18.64 30.74 -13.20
N ASP B 547 -17.72 30.44 -14.13
CA ASP B 547 -16.43 29.89 -13.74
C ASP B 547 -15.67 30.86 -12.84
N LYS B 548 -15.75 32.14 -13.17
CA LYS B 548 -15.05 33.18 -12.43
C LYS B 548 -15.61 33.34 -11.01
N LYS B 549 -16.87 32.96 -10.83
CA LYS B 549 -17.48 33.06 -9.50
C LYS B 549 -16.91 31.99 -8.56
N VAL B 550 -16.63 30.82 -9.12
CA VAL B 550 -16.00 29.74 -8.36
C VAL B 550 -14.48 29.77 -8.56
N SER B 551 -13.99 30.85 -9.17
CA SER B 551 -12.57 31.02 -9.46
C SER B 551 -11.98 29.86 -10.23
N GLY B 552 -12.60 29.49 -11.33
CA GLY B 552 -12.14 28.35 -12.11
C GLY B 552 -12.30 27.04 -11.36
N GLY B 553 -13.09 27.07 -10.28
CA GLY B 553 -13.37 25.87 -9.51
C GLY B 553 -14.41 24.97 -10.18
N ALA B 554 -14.25 24.74 -11.47
CA ALA B 554 -15.20 23.91 -12.21
C ALA B 554 -14.53 23.32 -13.46
N ILE B 555 -15.32 22.65 -14.30
CA ILE B 555 -14.82 22.16 -15.58
C ILE B 555 -15.93 22.09 -16.62
N LEU B 556 -15.53 22.23 -17.88
CA LEU B 556 -16.43 22.12 -19.02
C LEU B 556 -15.82 21.19 -20.05
N HIS B 557 -16.43 20.04 -20.33
CA HIS B 557 -15.96 19.24 -21.44
C HIS B 557 -17.09 18.88 -22.40
N ILE B 558 -16.75 18.90 -23.68
CA ILE B 558 -17.69 18.71 -24.78
C ILE B 558 -17.35 17.43 -25.54
N ASN B 559 -18.35 16.58 -25.73
CA ASN B 559 -18.16 15.38 -26.52
C ASN B 559 -18.14 15.69 -28.01
N LEU B 560 -17.12 15.18 -28.70
CA LEU B 560 -16.99 15.40 -30.13
C LEU B 560 -17.80 14.37 -30.93
N SER B 563 -15.59 15.36 -34.98
CA SER B 563 -14.22 15.60 -35.42
C SER B 563 -14.06 16.99 -36.01
N PHE B 564 -12.92 17.62 -35.77
CA PHE B 564 -12.64 18.94 -36.33
C PHE B 564 -12.35 18.82 -37.82
N LYS B 565 -12.32 19.95 -38.50
CA LYS B 565 -12.05 19.97 -39.94
C LYS B 565 -10.57 20.29 -40.19
N THR B 566 -10.01 21.13 -39.34
CA THR B 566 -8.60 21.51 -39.46
C THR B 566 -7.99 21.72 -38.09
N GLU B 567 -6.67 21.80 -38.04
CA GLU B 567 -5.97 22.17 -36.82
C GLU B 567 -6.28 23.62 -36.47
N GLU B 568 -6.39 24.46 -37.49
CA GLU B 568 -6.63 25.89 -37.30
C GLU B 568 -8.04 26.14 -36.77
N GLU B 569 -8.99 25.34 -37.23
CA GLU B 569 -10.37 25.42 -36.73
C GLU B 569 -10.44 25.11 -35.24
N SER B 570 -9.74 24.07 -34.83
CA SER B 570 -9.69 23.68 -33.42
C SER B 570 -9.05 24.80 -32.61
N PHE B 571 -7.97 25.37 -33.13
CA PHE B 571 -7.26 26.43 -32.43
C PHE B 571 -8.13 27.66 -32.26
N ASN B 572 -8.91 27.98 -33.29
CA ASN B 572 -9.85 29.09 -33.20
C ASN B 572 -10.87 28.84 -32.10
N MET B 573 -11.42 27.62 -32.07
CA MET B 573 -12.43 27.28 -31.10
C MET B 573 -11.90 27.38 -29.68
N VAL B 574 -10.65 26.98 -29.49
CA VAL B 574 -9.99 27.12 -28.19
C VAL B 574 -9.97 28.59 -27.80
N LYS B 575 -9.60 29.45 -28.74
CA LYS B 575 -9.51 30.88 -28.47
C LYS B 575 -10.88 31.50 -28.23
N MET B 576 -11.90 31.02 -28.95
CA MET B 576 -13.26 31.49 -28.73
C MET B 576 -13.69 31.20 -27.29
N ILE B 577 -13.53 29.94 -26.90
CA ILE B 577 -13.89 29.50 -25.55
C ILE B 577 -13.13 30.32 -24.52
N ALA B 578 -11.86 30.59 -24.79
CA ALA B 578 -11.01 31.34 -23.88
C ALA B 578 -11.45 32.80 -23.81
N ASP B 579 -11.97 33.33 -24.90
CA ASP B 579 -12.50 34.70 -24.92
C ASP B 579 -13.72 34.80 -24.03
N MET B 580 -14.52 33.73 -24.04
CA MET B 580 -15.80 33.73 -23.34
C MET B 580 -15.63 33.68 -21.82
N GLY B 581 -14.40 33.44 -21.37
CA GLY B 581 -14.09 33.46 -19.95
C GLY B 581 -14.05 32.09 -19.29
N VAL B 582 -14.14 31.03 -20.09
CA VAL B 582 -14.06 29.68 -19.56
C VAL B 582 -12.65 29.43 -19.04
N MET B 583 -12.55 28.86 -17.85
CA MET B 583 -11.26 28.78 -17.14
C MET B 583 -10.66 27.38 -17.15
N TYR B 584 -11.48 26.36 -17.39
CA TYR B 584 -10.98 24.99 -17.45
C TYR B 584 -11.89 24.14 -18.34
N PHE B 585 -11.34 23.60 -19.43
CA PHE B 585 -12.16 22.84 -20.36
C PHE B 585 -11.38 21.83 -21.19
N ALA B 586 -12.11 20.96 -21.89
CA ALA B 586 -11.51 19.87 -22.66
C ALA B 586 -12.51 19.32 -23.67
N PHE B 587 -12.02 18.54 -24.62
CA PHE B 587 -12.87 17.86 -25.61
C PHE B 587 -12.77 16.34 -25.41
N ASN B 588 -13.85 15.63 -25.67
CA ASN B 588 -13.92 14.21 -25.37
C ASN B 588 -14.07 13.31 -26.58
N THR B 589 -13.23 12.29 -26.64
CA THR B 589 -13.31 11.26 -27.65
C THR B 589 -13.61 9.92 -26.97
N LYS B 590 -14.04 8.93 -27.76
CA LYS B 590 -14.32 7.60 -27.24
C LYS B 590 -13.19 6.64 -27.61
N ILE B 591 -12.18 6.57 -26.75
CA ILE B 591 -10.97 5.79 -27.02
C ILE B 591 -11.21 4.31 -26.75
N SER B 592 -11.22 3.52 -27.81
CA SER B 592 -11.42 2.07 -27.68
C SER B 592 -10.18 1.40 -27.10
N VAL B 593 -10.40 0.27 -26.44
CA VAL B 593 -9.31 -0.57 -25.97
C VAL B 593 -9.66 -2.04 -26.13
N CYS B 594 -8.63 -2.85 -26.35
CA CYS B 594 -8.79 -4.30 -26.42
C CYS B 594 -8.41 -4.92 -25.07
N GLU B 595 -8.44 -6.24 -25.00
CA GLU B 595 -8.21 -6.93 -23.73
C GLU B 595 -6.80 -6.74 -23.20
N ASP B 596 -5.86 -6.44 -24.08
CA ASP B 596 -4.47 -6.23 -23.70
C ASP B 596 -4.16 -4.75 -23.45
N GLY B 597 -5.15 -3.89 -23.68
CA GLY B 597 -5.05 -2.50 -23.28
C GLY B 597 -4.47 -1.57 -24.32
N HIS B 598 -4.36 -2.03 -25.56
CA HIS B 598 -3.92 -1.17 -26.65
C HIS B 598 -4.96 -0.07 -26.87
N ALA B 599 -4.51 1.16 -27.09
CA ALA B 599 -5.44 2.28 -27.33
C ALA B 599 -5.64 2.48 -28.83
N PHE B 600 -6.90 2.67 -29.23
CA PHE B 600 -7.22 2.93 -30.62
C PHE B 600 -8.65 3.44 -30.76
N TYR B 601 -8.99 3.86 -31.99
CA TYR B 601 -10.36 4.19 -32.33
C TYR B 601 -10.93 3.11 -33.24
N GLY B 602 -12.20 2.78 -33.05
CA GLY B 602 -12.88 1.81 -33.88
C GLY B 602 -13.25 0.54 -33.13
N GLU B 603 -13.29 -0.58 -33.85
CA GLU B 603 -13.76 -1.85 -33.31
C GLU B 603 -12.68 -2.93 -33.35
N ARG B 604 -11.56 -2.63 -34.02
CA ARG B 604 -10.46 -3.58 -34.16
C ARG B 604 -9.13 -2.93 -33.81
N CYS B 605 -8.35 -3.60 -32.97
CA CYS B 605 -7.06 -3.09 -32.55
C CYS B 605 -6.05 -3.11 -33.70
N PRO B 606 -5.43 -1.95 -34.00
CA PRO B 606 -4.45 -1.95 -35.08
C PRO B 606 -3.12 -2.60 -34.70
N VAL B 607 -2.99 -3.04 -33.45
CA VAL B 607 -1.74 -3.62 -32.95
C VAL B 607 -1.80 -5.13 -32.87
N CYS B 608 -2.93 -5.66 -32.42
CA CYS B 608 -3.09 -7.10 -32.20
C CYS B 608 -4.26 -7.67 -32.98
N GLY B 609 -5.12 -6.79 -33.49
CA GLY B 609 -6.25 -7.22 -34.30
C GLY B 609 -7.43 -7.66 -33.45
N LYS B 610 -7.22 -7.75 -32.14
CA LYS B 610 -8.30 -8.10 -31.23
C LYS B 610 -9.38 -7.03 -31.26
N ALA B 611 -10.61 -7.43 -30.96
CA ALA B 611 -11.74 -6.51 -31.02
C ALA B 611 -11.73 -5.57 -29.83
N LYS B 612 -12.43 -4.45 -29.98
CA LYS B 612 -12.69 -3.55 -28.86
C LYS B 612 -13.51 -4.29 -27.82
N VAL B 613 -13.27 -3.98 -26.55
CA VAL B 613 -14.03 -4.59 -25.45
C VAL B 613 -14.49 -3.53 -24.44
N ASP B 614 -13.85 -2.37 -24.46
CA ASP B 614 -14.21 -1.29 -23.55
C ASP B 614 -13.78 0.06 -24.12
N GLU B 615 -14.23 1.13 -23.47
CA GLU B 615 -13.94 2.48 -23.91
C GLU B 615 -13.19 3.25 -22.83
N TYR B 616 -12.55 4.34 -23.22
CA TYR B 616 -12.00 5.31 -22.28
C TYR B 616 -12.64 6.65 -22.56
N MET B 617 -13.06 7.34 -21.50
CA MET B 617 -13.75 8.61 -21.67
C MET B 617 -13.58 9.53 -20.46
N ARG B 618 -13.47 10.82 -20.74
CA ARG B 618 -13.49 11.84 -19.71
C ARG B 618 -14.93 12.05 -19.24
N ILE B 619 -15.33 11.34 -18.19
CA ILE B 619 -16.70 11.39 -17.70
C ILE B 619 -16.86 12.46 -16.62
N VAL B 620 -15.85 12.61 -15.77
CA VAL B 620 -15.88 13.60 -14.69
C VAL B 620 -14.65 14.51 -14.70
N GLY B 621 -13.90 14.50 -15.79
CA GLY B 621 -12.77 15.40 -15.95
C GLY B 621 -11.43 14.71 -16.19
N TYR B 622 -11.38 13.41 -16.00
CA TYR B 622 -10.20 12.62 -16.34
C TYR B 622 -10.62 11.34 -17.06
N LEU B 623 -9.71 10.77 -17.85
CA LEU B 623 -10.05 9.64 -18.72
C LEU B 623 -10.07 8.31 -17.95
N VAL B 624 -11.20 7.60 -18.04
CA VAL B 624 -11.40 6.38 -17.28
C VAL B 624 -12.08 5.29 -18.10
N PRO B 625 -11.94 4.02 -17.67
CA PRO B 625 -12.69 2.94 -18.32
C PRO B 625 -14.19 3.04 -18.01
N VAL B 626 -15.03 3.03 -19.04
CA VAL B 626 -16.47 3.21 -18.83
C VAL B 626 -17.07 2.04 -18.05
N SER B 627 -16.51 0.85 -18.23
CA SER B 627 -16.99 -0.33 -17.52
C SER B 627 -16.75 -0.18 -16.03
N ALA B 628 -15.69 0.53 -15.68
CA ALA B 628 -15.35 0.77 -14.28
C ALA B 628 -16.29 1.80 -13.65
N PHE B 629 -16.57 2.88 -14.38
CA PHE B 629 -17.45 3.92 -13.90
C PHE B 629 -18.87 3.41 -13.74
N ASN B 630 -19.36 2.70 -14.75
CA ASN B 630 -20.72 2.19 -14.73
C ASN B 630 -20.97 1.27 -13.55
N LYS B 631 -20.04 0.35 -13.29
CA LYS B 631 -20.22 -0.61 -12.20
C LYS B 631 -20.02 0.05 -10.83
N GLU B 632 -19.00 0.90 -10.71
CA GLU B 632 -18.78 1.65 -9.48
C GLU B 632 -20.01 2.50 -9.17
N ARG B 633 -20.65 2.98 -10.24
CA ARG B 633 -21.88 3.74 -10.11
C ARG B 633 -23.03 2.80 -9.74
N ARG B 634 -22.99 1.58 -10.27
CA ARG B 634 -24.05 0.61 -10.04
C ARG B 634 -24.00 0.06 -8.62
N GLU B 635 -22.80 0.03 -8.04
CA GLU B 635 -22.61 -0.48 -6.70
C GLU B 635 -23.07 0.53 -5.63
N ILE B 636 -23.79 1.57 -6.08
CA ILE B 636 -24.37 2.55 -5.17
C ILE B 636 -25.73 3.01 -5.70
N GLU B 637 -26.54 2.04 -6.13
CA GLU B 637 -27.89 2.31 -6.65
C GLU B 637 -28.94 1.55 -5.84
#